data_1S1L
# 
_entry.id   1S1L 
# 
_audit_conform.dict_name       mmcif_pdbx.dic 
_audit_conform.dict_version    5.389 
_audit_conform.dict_location   http://mmcif.pdb.org/dictionaries/ascii/mmcif_pdbx.dic 
# 
loop_
_database_2.database_id 
_database_2.database_code 
_database_2.pdbx_database_accession 
_database_2.pdbx_DOI 
PDB   1S1L         pdb_00001s1l 10.2210/pdb1s1l/pdb 
NDB   UD0052       ?            ?                   
RCSB  RCSB021251   ?            ?                   
WWPDB D_1000021251 ?            ?                   
# 
loop_
_pdbx_audit_revision_history.ordinal 
_pdbx_audit_revision_history.data_content_type 
_pdbx_audit_revision_history.major_revision 
_pdbx_audit_revision_history.minor_revision 
_pdbx_audit_revision_history.revision_date 
1 'Structure model' 1 0 2004-08-31 
2 'Structure model' 1 1 2008-04-29 
3 'Structure model' 1 2 2011-07-13 
4 'Structure model' 1 3 2017-10-11 
5 'Structure model' 1 4 2024-02-14 
6 'Structure model' 1 5 2024-04-03 
# 
_pdbx_audit_revision_details.ordinal             1 
_pdbx_audit_revision_details.revision_ordinal    1 
_pdbx_audit_revision_details.data_content_type   'Structure model' 
_pdbx_audit_revision_details.provider            repository 
_pdbx_audit_revision_details.type                'Initial release' 
_pdbx_audit_revision_details.description         ? 
_pdbx_audit_revision_details.details             ? 
# 
loop_
_pdbx_audit_revision_group.ordinal 
_pdbx_audit_revision_group.revision_ordinal 
_pdbx_audit_revision_group.data_content_type 
_pdbx_audit_revision_group.group 
1 2 'Structure model' 'Version format compliance' 
2 3 'Structure model' 'Version format compliance' 
3 4 'Structure model' 'Refinement description'    
4 5 'Structure model' 'Data collection'           
5 5 'Structure model' 'Database references'       
6 5 'Structure model' 'Derived calculations'      
7 6 'Structure model' 'Refinement description'    
# 
loop_
_pdbx_audit_revision_category.ordinal 
_pdbx_audit_revision_category.revision_ordinal 
_pdbx_audit_revision_category.data_content_type 
_pdbx_audit_revision_category.category 
1 4 'Structure model' software                      
2 5 'Structure model' chem_comp_atom                
3 5 'Structure model' chem_comp_bond                
4 5 'Structure model' database_2                    
5 5 'Structure model' struct_conn                   
6 6 'Structure model' pdbx_initial_refinement_model 
# 
loop_
_pdbx_audit_revision_item.ordinal 
_pdbx_audit_revision_item.revision_ordinal 
_pdbx_audit_revision_item.data_content_type 
_pdbx_audit_revision_item.item 
1 5 'Structure model' '_database_2.pdbx_DOI'                
2 5 'Structure model' '_database_2.pdbx_database_accession' 
3 5 'Structure model' '_struct_conn.pdbx_leaving_atom_flag' 
# 
_pdbx_database_status.status_code                     REL 
_pdbx_database_status.entry_id                        1S1L 
_pdbx_database_status.recvd_initial_deposition_date   2004-01-06 
_pdbx_database_status.deposit_site                    RCSB 
_pdbx_database_status.process_site                    RCSB 
_pdbx_database_status.status_code_sf                  REL 
_pdbx_database_status.SG_entry                        . 
_pdbx_database_status.pdb_format_compatible           Y 
_pdbx_database_status.status_code_mr                  ? 
_pdbx_database_status.status_code_cs                  ? 
_pdbx_database_status.methods_development_category    ? 
_pdbx_database_status.status_code_nmr_data            ? 
# 
loop_
_pdbx_database_related.db_name 
_pdbx_database_related.db_id 
_pdbx_database_related.details 
_pdbx_database_related.content_type 
NDB UD0006 'DNA Holliday Junction' unspecified 
NDB UD0008 'DNA Holliday Junction' unspecified 
NDB UD0019 'DNA Holliday Junction' unspecified 
NDB UD0028 'DNA Holliday Junction' unspecified 
NDB UD0030 'DNA Holliday Junction' unspecified 
# 
loop_
_audit_author.name 
_audit_author.pdbx_ordinal 
'Hays, F.A.'  1 
'Jones, Z.J.' 2 
'Ho, P.S.'    3 
# 
_citation.id                        primary 
_citation.title                     'Influence of minor groove substituents on the structure of DNA holliday junctions.' 
_citation.journal_abbrev            Biochemistry 
_citation.journal_volume            43 
_citation.page_first                9813 
_citation.page_last                 9822 
_citation.year                      2004 
_citation.journal_id_ASTM           BICHAW 
_citation.country                   US 
_citation.journal_id_ISSN           0006-2960 
_citation.journal_id_CSD            0033 
_citation.book_publisher            ? 
_citation.pdbx_database_id_PubMed   15274635 
_citation.pdbx_database_id_DOI      10.1021/bi049461d 
# 
loop_
_citation_author.citation_id 
_citation_author.name 
_citation_author.ordinal 
_citation_author.identifier_ORCID 
primary 'Hays, F.A.'  1 ? 
primary 'Jones, Z.J.' 2 ? 
primary 'Ho, P.S.'    3 ? 
# 
loop_
_entity.id 
_entity.type 
_entity.src_method 
_entity.pdbx_description 
_entity.formula_weight 
_entity.pdbx_number_of_molecules 
_entity.pdbx_ec 
_entity.pdbx_mutation 
_entity.pdbx_fragment 
_entity.details 
1 polymer syn "5'-D(*CP*CP*(OIP)*GP*TP*AP*CP*(5CM)P*GP*G)-3'" 3045.006 2  ? ? ? ? 
2 water   nat water                                           18.015   62 ? ? ? ? 
# 
_entity_poly.entity_id                      1 
_entity_poly.type                           polydeoxyribonucleotide 
_entity_poly.nstd_linkage                   no 
_entity_poly.nstd_monomer                   yes 
_entity_poly.pdbx_seq_one_letter_code       '(DC)(DC)(DI)(DG)(DT)(DA)(DC)(5CM)(DG)(DG)' 
_entity_poly.pdbx_seq_one_letter_code_can   CCIGTACCGG 
_entity_poly.pdbx_strand_id                 A,B 
_entity_poly.pdbx_target_identifier         ? 
# 
_pdbx_entity_nonpoly.entity_id   2 
_pdbx_entity_nonpoly.name        water 
_pdbx_entity_nonpoly.comp_id     HOH 
# 
loop_
_entity_poly_seq.entity_id 
_entity_poly_seq.num 
_entity_poly_seq.mon_id 
_entity_poly_seq.hetero 
1 1  DC  n 
1 2  DC  n 
1 3  DI  n 
1 4  DG  n 
1 5  DT  n 
1 6  DA  n 
1 7  DC  n 
1 8  5CM n 
1 9  DG  n 
1 10 DG  n 
# 
loop_
_chem_comp.id 
_chem_comp.type 
_chem_comp.mon_nstd_flag 
_chem_comp.name 
_chem_comp.pdbx_synonyms 
_chem_comp.formula 
_chem_comp.formula_weight 
5CM 'DNA linking' n "5-METHYL-2'-DEOXY-CYTIDINE-5'-MONOPHOSPHATE" ? 'C10 H16 N3 O7 P' 321.224 
DA  'DNA linking' y "2'-DEOXYADENOSINE-5'-MONOPHOSPHATE"          ? 'C10 H14 N5 O6 P' 331.222 
DC  'DNA linking' y "2'-DEOXYCYTIDINE-5'-MONOPHOSPHATE"           ? 'C9 H14 N3 O7 P'  307.197 
DG  'DNA linking' y "2'-DEOXYGUANOSINE-5'-MONOPHOSPHATE"          ? 'C10 H14 N5 O7 P' 347.221 
DI  'DNA linking' y "2'-DEOXYINOSINE-5'-MONOPHOSPHATE"            ? 'C10 H13 N4 O7 P' 332.207 
DT  'DNA linking' y "THYMIDINE-5'-MONOPHOSPHATE"                  ? 'C10 H15 N2 O8 P' 322.208 
HOH non-polymer   . WATER                                         ? 'H2 O'            18.015  
# 
loop_
_pdbx_poly_seq_scheme.asym_id 
_pdbx_poly_seq_scheme.entity_id 
_pdbx_poly_seq_scheme.seq_id 
_pdbx_poly_seq_scheme.mon_id 
_pdbx_poly_seq_scheme.ndb_seq_num 
_pdbx_poly_seq_scheme.pdb_seq_num 
_pdbx_poly_seq_scheme.auth_seq_num 
_pdbx_poly_seq_scheme.pdb_mon_id 
_pdbx_poly_seq_scheme.auth_mon_id 
_pdbx_poly_seq_scheme.pdb_strand_id 
_pdbx_poly_seq_scheme.pdb_ins_code 
_pdbx_poly_seq_scheme.hetero 
A 1 1  DC  1  1  1  DC  C   A . n 
A 1 2  DC  2  2  2  DC  C   A . n 
A 1 3  DI  3  3  3  DI  DI  A . n 
A 1 4  DG  4  4  4  DG  G   A . n 
A 1 5  DT  5  5  5  DT  T   A . n 
A 1 6  DA  6  6  6  DA  A   A . n 
A 1 7  DC  7  7  7  DC  C   A . n 
A 1 8  5CM 8  8  8  5CM 5CM A . n 
A 1 9  DG  9  9  9  DG  G   A . n 
A 1 10 DG  10 10 10 DG  G   A . n 
B 1 1  DC  1  1  11 DC  C   B . n 
B 1 2  DC  2  2  12 DC  C   B . n 
B 1 3  DI  3  3  13 DI  DI  B . n 
B 1 4  DG  4  4  14 DG  G   B . n 
B 1 5  DT  5  5  15 DT  T   B . n 
B 1 6  DA  6  6  16 DA  A   B . n 
B 1 7  DC  7  7  17 DC  C   B . n 
B 1 8  5CM 8  8  18 5CM 5CM B . n 
B 1 9  DG  9  9  19 DG  G   B . n 
B 1 10 DG  10 10 20 DG  G   B . n 
# 
loop_
_pdbx_nonpoly_scheme.asym_id 
_pdbx_nonpoly_scheme.entity_id 
_pdbx_nonpoly_scheme.mon_id 
_pdbx_nonpoly_scheme.ndb_seq_num 
_pdbx_nonpoly_scheme.pdb_seq_num 
_pdbx_nonpoly_scheme.auth_seq_num 
_pdbx_nonpoly_scheme.pdb_mon_id 
_pdbx_nonpoly_scheme.auth_mon_id 
_pdbx_nonpoly_scheme.pdb_strand_id 
_pdbx_nonpoly_scheme.pdb_ins_code 
C 2 HOH 1  21 21 HOH WAT A . 
C 2 HOH 2  22 22 HOH WAT A . 
C 2 HOH 3  23 23 HOH WAT A . 
C 2 HOH 4  24 24 HOH WAT A . 
C 2 HOH 5  25 25 HOH WAT A . 
C 2 HOH 6  28 28 HOH WAT A . 
C 2 HOH 7  29 29 HOH WAT A . 
C 2 HOH 8  33 33 HOH WAT A . 
C 2 HOH 9  34 34 HOH WAT A . 
C 2 HOH 10 35 35 HOH WAT A . 
C 2 HOH 11 36 36 HOH WAT A . 
C 2 HOH 12 37 37 HOH WAT A . 
C 2 HOH 13 38 38 HOH WAT A . 
C 2 HOH 14 39 39 HOH WAT A . 
C 2 HOH 15 41 41 HOH WAT A . 
C 2 HOH 16 43 43 HOH WAT A . 
C 2 HOH 17 44 44 HOH WAT A . 
C 2 HOH 18 45 45 HOH WAT A . 
C 2 HOH 19 47 47 HOH WAT A . 
C 2 HOH 20 50 50 HOH WAT A . 
C 2 HOH 21 54 54 HOH WAT A . 
C 2 HOH 22 55 55 HOH WAT A . 
C 2 HOH 23 56 56 HOH WAT A . 
C 2 HOH 24 58 58 HOH WAT A . 
C 2 HOH 25 59 59 HOH WAT A . 
C 2 HOH 26 62 62 HOH WAT A . 
C 2 HOH 27 64 64 HOH WAT A . 
C 2 HOH 28 67 67 HOH WAT A . 
C 2 HOH 29 68 68 HOH WAT A . 
C 2 HOH 30 70 70 HOH WAT A . 
C 2 HOH 31 73 73 HOH WAT A . 
C 2 HOH 32 74 74 HOH WAT A . 
C 2 HOH 33 76 76 HOH WAT A . 
C 2 HOH 34 77 77 HOH WAT A . 
C 2 HOH 35 79 79 HOH WAT A . 
C 2 HOH 36 80 80 HOH WAT A . 
C 2 HOH 37 81 81 HOH WAT A . 
C 2 HOH 38 82 82 HOH WAT A . 
D 2 HOH 1  26 26 HOH WAT B . 
D 2 HOH 2  27 27 HOH WAT B . 
D 2 HOH 3  30 30 HOH WAT B . 
D 2 HOH 4  31 31 HOH WAT B . 
D 2 HOH 5  32 32 HOH WAT B . 
D 2 HOH 6  40 40 HOH WAT B . 
D 2 HOH 7  42 42 HOH WAT B . 
D 2 HOH 8  46 46 HOH WAT B . 
D 2 HOH 9  48 48 HOH WAT B . 
D 2 HOH 10 49 49 HOH WAT B . 
D 2 HOH 11 51 51 HOH WAT B . 
D 2 HOH 12 52 52 HOH WAT B . 
D 2 HOH 13 53 53 HOH WAT B . 
D 2 HOH 14 57 57 HOH WAT B . 
D 2 HOH 15 60 60 HOH WAT B . 
D 2 HOH 16 61 61 HOH WAT B . 
D 2 HOH 17 63 63 HOH WAT B . 
D 2 HOH 18 65 65 HOH WAT B . 
D 2 HOH 19 66 66 HOH WAT B . 
D 2 HOH 20 69 69 HOH WAT B . 
D 2 HOH 21 71 71 HOH WAT B . 
D 2 HOH 22 72 72 HOH WAT B . 
D 2 HOH 23 75 75 HOH WAT B . 
D 2 HOH 24 78 78 HOH WAT B . 
# 
loop_
_software.name 
_software.classification 
_software.version 
_software.citation_id 
_software.pdbx_ordinal 
CNS       refinement     1.1 ? 1 
SCALEPACK 'data scaling' .   ? 2 
EPMR      phasing        .   ? 3 
# 
_cell.entry_id           1S1L 
_cell.length_a           64.923 
_cell.length_b           24.869 
_cell.length_c           37.095 
_cell.angle_alpha        90.00 
_cell.angle_beta         109.22 
_cell.angle_gamma        90.00 
_cell.Z_PDB              8 
_cell.pdbx_unique_axis   ? 
# 
_symmetry.entry_id                         1S1L 
_symmetry.space_group_name_H-M             'C 1 2 1' 
_symmetry.pdbx_full_space_group_name_H-M   ? 
_symmetry.cell_setting                     ? 
_symmetry.Int_Tables_number                5 
_symmetry.space_group_name_Hall            ? 
# 
_exptl.entry_id          1S1L 
_exptl.method            'X-RAY DIFFRACTION' 
_exptl.crystals_number   1 
# 
_exptl_crystal.id                    1 
_exptl_crystal.density_meas          ? 
_exptl_crystal.density_percent_sol   42.8 
_exptl_crystal.description           ? 
_exptl_crystal.density_Matthews      2.17 
_exptl_crystal.F_000                 ? 
_exptl_crystal.preparation           ? 
# 
_exptl_crystal_grow.crystal_id      1 
_exptl_crystal_grow.method          'VAPOR DIFFUSION, SITTING DROP' 
_exptl_crystal_grow.temp            ? 
_exptl_crystal_grow.temp_details    ? 
_exptl_crystal_grow.pH              7.0 
_exptl_crystal_grow.pdbx_details    
'25mM Na Cacodylate, .5mM DNA, 180mM CaCl2, 2.4mM spermine against 20% resevoir MPD, pH 7.0, VAPOR DIFFUSION, SITTING DROP' 
_exptl_crystal_grow.pdbx_pH_range   . 
# 
loop_
_exptl_crystal_grow_comp.crystal_id 
_exptl_crystal_grow_comp.id 
_exptl_crystal_grow_comp.sol_id 
_exptl_crystal_grow_comp.name 
_exptl_crystal_grow_comp.volume 
_exptl_crystal_grow_comp.conc 
_exptl_crystal_grow_comp.details 
1 1 1 'Na Cacodylate' ? ? ? 
1 2 1 '.5mM DNA'      ? ? ? 
1 3 1 CaCl2           ? ? ? 
1 4 1 spermine        ? ? ? 
1 5 2 MPD             ? ? ? 
1 6 2 'Na Cacodylate' ? ? ? 
# 
_diffrn.id                     1 
_diffrn.ambient_temp           103 
_diffrn.ambient_temp_details   ? 
_diffrn.crystal_id             1 
# 
_diffrn_detector.diffrn_id              1 
_diffrn_detector.detector               'IMAGE PLATE' 
_diffrn_detector.type                   'RIGAKU RAXIS IV' 
_diffrn_detector.pdbx_collection_date   2003-11-08 
_diffrn_detector.details                'osmic mirrors' 
# 
_diffrn_radiation.diffrn_id                        1 
_diffrn_radiation.wavelength_id                    1 
_diffrn_radiation.pdbx_monochromatic_or_laue_m_l   M 
_diffrn_radiation.monochromator                    ? 
_diffrn_radiation.pdbx_diffrn_protocol             'SINGLE WAVELENGTH' 
_diffrn_radiation.pdbx_scattering_type             x-ray 
# 
_diffrn_radiation_wavelength.id           1 
_diffrn_radiation_wavelength.wavelength   1.542 
_diffrn_radiation_wavelength.wt           1.0 
# 
_diffrn_source.diffrn_id                   1 
_diffrn_source.source                      'ROTATING ANODE' 
_diffrn_source.type                        RIGAKU 
_diffrn_source.pdbx_synchrotron_site       ? 
_diffrn_source.pdbx_synchrotron_beamline   ? 
_diffrn_source.pdbx_wavelength             ? 
_diffrn_source.pdbx_wavelength_list        1.542 
# 
_reflns.entry_id                     1S1L 
_reflns.observed_criterion_sigma_I   0 
_reflns.observed_criterion_sigma_F   ? 
_reflns.d_resolution_low             18.2 
_reflns.d_resolution_high            2.0 
_reflns.number_obs                   3492 
_reflns.number_all                   3492 
_reflns.percent_possible_obs         93.4 
_reflns.pdbx_Rmerge_I_obs            0.05 
_reflns.pdbx_Rsym_value              ? 
_reflns.pdbx_netI_over_sigmaI        ? 
_reflns.B_iso_Wilson_estimate        11.2 
_reflns.pdbx_redundancy              ? 
_reflns.R_free_details               ? 
_reflns.pdbx_chi_squared             ? 
_reflns.pdbx_scaling_rejects         ? 
_reflns.pdbx_diffrn_id               1 
_reflns.pdbx_ordinal                 1 
# 
_reflns_shell.d_res_high             2.00 
_reflns_shell.d_res_low              2.07 
_reflns_shell.percent_possible_all   61.8 
_reflns_shell.Rmerge_I_obs           0.291 
_reflns_shell.pdbx_Rsym_value        ? 
_reflns_shell.meanI_over_sigI_obs    2.4 
_reflns_shell.pdbx_redundancy        ? 
_reflns_shell.percent_possible_obs   ? 
_reflns_shell.number_unique_all      ? 
_reflns_shell.number_measured_all    ? 
_reflns_shell.number_measured_obs    ? 
_reflns_shell.number_unique_obs      ? 
_reflns_shell.pdbx_chi_squared       ? 
_reflns_shell.pdbx_diffrn_id         ? 
_reflns_shell.pdbx_ordinal           1 
# 
_refine.entry_id                                 1S1L 
_refine.ls_number_reflns_obs                     2852 
_refine.ls_number_reflns_all                     3492 
_refine.pdbx_ls_sigma_I                          0 
_refine.pdbx_ls_sigma_F                          0.0 
_refine.pdbx_data_cutoff_high_absF               44978.75 
_refine.pdbx_data_cutoff_low_absF                0.000000 
_refine.pdbx_data_cutoff_high_rms_absF           44978.75 
_refine.ls_d_res_low                             18.2 
_refine.ls_d_res_high                            2.20 
_refine.ls_percent_reflns_obs                    96.2 
_refine.ls_R_factor_obs                          0.236 
_refine.ls_R_factor_all                          0.266 
_refine.ls_R_factor_R_work                       0.236 
_refine.ls_R_factor_R_free                       0.258 
_refine.ls_R_factor_R_free_error                 0.015 
_refine.ls_R_factor_R_free_error_details         ? 
_refine.ls_percent_reflns_R_free                 10.0 
_refine.ls_number_reflns_R_free                  286 
_refine.ls_number_parameters                     ? 
_refine.ls_number_restraints                     ? 
_refine.occupancy_min                            ? 
_refine.occupancy_max                            ? 
_refine.correlation_coeff_Fo_to_Fc               ? 
_refine.correlation_coeff_Fo_to_Fc_free          ? 
_refine.B_iso_mean                               11.2 
_refine.aniso_B[1][1]                            2.08 
_refine.aniso_B[2][2]                            2.33 
_refine.aniso_B[3][3]                            -4.41 
_refine.aniso_B[1][2]                            0.00 
_refine.aniso_B[1][3]                            -1.93 
_refine.aniso_B[2][3]                            0.00 
_refine.solvent_model_details                    'FLAT MODEL' 
_refine.solvent_model_param_ksol                 0.360393 
_refine.solvent_model_param_bsol                 50.3728 
_refine.pdbx_solvent_vdw_probe_radii             ? 
_refine.pdbx_solvent_ion_probe_radii             ? 
_refine.pdbx_solvent_shrinkage_radii             ? 
_refine.pdbx_ls_cross_valid_method               THROUGHOUT 
_refine.details                                  ? 
_refine.pdbx_starting_model                      'ndb id UD0019' 
_refine.pdbx_method_to_determine_struct          'MOLECULAR REPLACEMENT' 
_refine.pdbx_isotropic_thermal_model             RESTRAINED 
_refine.pdbx_stereochemistry_target_values       ? 
_refine.pdbx_stereochem_target_val_spec_case     ? 
_refine.pdbx_R_Free_selection_details            RANDOM 
_refine.pdbx_overall_ESU_R                       ? 
_refine.pdbx_overall_ESU_R_Free                  ? 
_refine.overall_SU_ML                            ? 
_refine.overall_SU_B                             ? 
_refine.ls_redundancy_reflns_obs                 ? 
_refine.overall_SU_R_Cruickshank_DPI             ? 
_refine.overall_SU_R_free                        ? 
_refine.ls_wR_factor_R_free                      ? 
_refine.ls_wR_factor_R_work                      ? 
_refine.overall_FOM_free_R_set                   ? 
_refine.overall_FOM_work_R_set                   ? 
_refine.pdbx_refine_id                           'X-RAY DIFFRACTION' 
_refine.pdbx_diffrn_id                           1 
_refine.pdbx_TLS_residual_ADP_flag               ? 
_refine.pdbx_overall_phase_error                 ? 
_refine.pdbx_overall_SU_R_free_Cruickshank_DPI   ? 
_refine.pdbx_overall_SU_R_Blow_DPI               ? 
_refine.pdbx_overall_SU_R_free_Blow_DPI          ? 
# 
_refine_analyze.entry_id                        1S1L 
_refine_analyze.Luzzati_coordinate_error_obs    0.28 
_refine_analyze.Luzzati_sigma_a_obs             0.16 
_refine_analyze.Luzzati_d_res_low_obs           5.00 
_refine_analyze.Luzzati_coordinate_error_free   0.29 
_refine_analyze.Luzzati_sigma_a_free            0.37 
_refine_analyze.Luzzati_d_res_low_free          ? 
_refine_analyze.number_disordered_residues      ? 
_refine_analyze.occupancy_sum_hydrogen          ? 
_refine_analyze.occupancy_sum_non_hydrogen      ? 
_refine_analyze.pdbx_refine_id                  'X-RAY DIFFRACTION' 
# 
_refine_hist.pdbx_refine_id                   'X-RAY DIFFRACTION' 
_refine_hist.cycle_id                         LAST 
_refine_hist.pdbx_number_atoms_protein        0 
_refine_hist.pdbx_number_atoms_nucleic_acid   404 
_refine_hist.pdbx_number_atoms_ligand         0 
_refine_hist.number_atoms_solvent             62 
_refine_hist.number_atoms_total               466 
_refine_hist.d_res_high                       2.20 
_refine_hist.d_res_low                        18.2 
# 
loop_
_refine_ls_restr.type 
_refine_ls_restr.dev_ideal 
_refine_ls_restr.dev_ideal_target 
_refine_ls_restr.weight 
_refine_ls_restr.number 
_refine_ls_restr.pdbx_refine_id 
_refine_ls_restr.pdbx_restraint_function 
c_bond_d                0.003 ? ? ? 'X-RAY DIFFRACTION' ? 
c_bond_d_na             ?     ? ? ? 'X-RAY DIFFRACTION' ? 
c_bond_d_prot           ?     ? ? ? 'X-RAY DIFFRACTION' ? 
c_angle_d               ?     ? ? ? 'X-RAY DIFFRACTION' ? 
c_angle_d_na            ?     ? ? ? 'X-RAY DIFFRACTION' ? 
c_angle_d_prot          ?     ? ? ? 'X-RAY DIFFRACTION' ? 
c_angle_deg             0.8   ? ? ? 'X-RAY DIFFRACTION' ? 
c_angle_deg_na          ?     ? ? ? 'X-RAY DIFFRACTION' ? 
c_angle_deg_prot        ?     ? ? ? 'X-RAY DIFFRACTION' ? 
c_dihedral_angle_d      18.4  ? ? ? 'X-RAY DIFFRACTION' ? 
c_dihedral_angle_d_na   ?     ? ? ? 'X-RAY DIFFRACTION' ? 
c_dihedral_angle_d_prot ?     ? ? ? 'X-RAY DIFFRACTION' ? 
c_improper_angle_d      1.28  ? ? ? 'X-RAY DIFFRACTION' ? 
c_improper_angle_d_na   ?     ? ? ? 'X-RAY DIFFRACTION' ? 
c_improper_angle_d_prot ?     ? ? ? 'X-RAY DIFFRACTION' ? 
c_mcbond_it             ?     ? ? ? 'X-RAY DIFFRACTION' ? 
c_mcangle_it            ?     ? ? ? 'X-RAY DIFFRACTION' ? 
c_scbond_it             ?     ? ? ? 'X-RAY DIFFRACTION' ? 
c_scangle_it            ?     ? ? ? 'X-RAY DIFFRACTION' ? 
# 
_refine_ls_shell.pdbx_total_number_of_bins_used   6 
_refine_ls_shell.d_res_high                       2.20 
_refine_ls_shell.d_res_low                        2.34 
_refine_ls_shell.number_reflns_R_work             391 
_refine_ls_shell.R_factor_R_work                  0.267 
_refine_ls_shell.percent_reflns_obs               88.0 
_refine_ls_shell.R_factor_R_free                  0.334 
_refine_ls_shell.R_factor_R_free_error            0.053 
_refine_ls_shell.percent_reflns_R_free            9.3 
_refine_ls_shell.number_reflns_R_free             40 
_refine_ls_shell.redundancy_reflns_obs            ? 
_refine_ls_shell.pdbx_refine_id                   'X-RAY DIFFRACTION' 
_refine_ls_shell.number_reflns_all                ? 
_refine_ls_shell.R_factor_all                     ? 
# 
loop_
_pdbx_xplor_file.serial_no 
_pdbx_xplor_file.param_file 
_pdbx_xplor_file.topol_file 
_pdbx_xplor_file.pdbx_refine_id 
1 DNA-RNA_REP.PARAM DNA-RNA.TOP 'X-RAY DIFFRACTION' 
2 ION.PARAM         ION.TOP     'X-RAY DIFFRACTION' 
3 WATER_REP.PARAM   WATER.TOP   'X-RAY DIFFRACTION' 
# 
_struct.entry_id                  1S1L 
_struct.title                     'Influence of Groove Interactions on the Formation of DNA Holliday Junctions' 
_struct.pdbx_model_details        ? 
_struct.pdbx_CASP_flag            ? 
_struct.pdbx_model_type_details   ? 
# 
_struct_keywords.entry_id        1S1L 
_struct_keywords.pdbx_keywords   DNA 
_struct_keywords.text            'Holliday Junction, DNA Four-Way Junction, major groove, Inosine, minor groove, DNA' 
# 
loop_
_struct_asym.id 
_struct_asym.pdbx_blank_PDB_chainid_flag 
_struct_asym.pdbx_modified 
_struct_asym.entity_id 
_struct_asym.details 
A N N 1 ? 
B N N 1 ? 
C N N 2 ? 
D N N 2 ? 
# 
_struct_ref.id                         1 
_struct_ref.entity_id                  1 
_struct_ref.db_name                    PDB 
_struct_ref.db_code                    1S1L 
_struct_ref.pdbx_db_accession          1S1L 
_struct_ref.pdbx_db_isoform            ? 
_struct_ref.pdbx_seq_one_letter_code   ? 
_struct_ref.pdbx_align_begin           ? 
# 
loop_
_struct_ref_seq.align_id 
_struct_ref_seq.ref_id 
_struct_ref_seq.pdbx_PDB_id_code 
_struct_ref_seq.pdbx_strand_id 
_struct_ref_seq.seq_align_beg 
_struct_ref_seq.pdbx_seq_align_beg_ins_code 
_struct_ref_seq.seq_align_end 
_struct_ref_seq.pdbx_seq_align_end_ins_code 
_struct_ref_seq.pdbx_db_accession 
_struct_ref_seq.db_align_beg 
_struct_ref_seq.pdbx_db_align_beg_ins_code 
_struct_ref_seq.db_align_end 
_struct_ref_seq.pdbx_db_align_end_ins_code 
_struct_ref_seq.pdbx_auth_seq_align_beg 
_struct_ref_seq.pdbx_auth_seq_align_end 
1 1 1S1L A 1 ? 10 ? 1S1L 1 ? 10 ? 1 10 
2 1 1S1L B 1 ? 10 ? 1S1L 1 ? 10 ? 1 10 
# 
_pdbx_struct_assembly.id                   1 
_pdbx_struct_assembly.details              author_defined_assembly 
_pdbx_struct_assembly.method_details       ? 
_pdbx_struct_assembly.oligomeric_details   tetrameric 
_pdbx_struct_assembly.oligomeric_count     4 
# 
_pdbx_struct_assembly_gen.assembly_id       1 
_pdbx_struct_assembly_gen.oper_expression   1,2 
_pdbx_struct_assembly_gen.asym_id_list      A,B,C,D 
# 
loop_
_pdbx_struct_oper_list.id 
_pdbx_struct_oper_list.type 
_pdbx_struct_oper_list.name 
_pdbx_struct_oper_list.symmetry_operation 
_pdbx_struct_oper_list.matrix[1][1] 
_pdbx_struct_oper_list.matrix[1][2] 
_pdbx_struct_oper_list.matrix[1][3] 
_pdbx_struct_oper_list.vector[1] 
_pdbx_struct_oper_list.matrix[2][1] 
_pdbx_struct_oper_list.matrix[2][2] 
_pdbx_struct_oper_list.matrix[2][3] 
_pdbx_struct_oper_list.vector[2] 
_pdbx_struct_oper_list.matrix[3][1] 
_pdbx_struct_oper_list.matrix[3][2] 
_pdbx_struct_oper_list.matrix[3][3] 
_pdbx_struct_oper_list.vector[3] 
1 'identity operation'         1_555 x,y,z       1.0000000000 0.0000000000 0.0000000000 0.0000000000 0.0000000000 1.0000000000  0.0000000000 0.0000000000  0.0000000000 0.0000000000 1.0000000000  0.0000000000  
2 'crystal symmetry operation' 2_656 -x+1,y,-z+1 0.3460810045 0.8323481290 0.4329255483 8.2629274745 0.8323481290 -0.4853181899 0.2676991719 -9.1776154323 0.4329255483 0.2676991719 -0.8607628146 -8.0466461142 
# 
_struct_biol.id                    1 
_struct_biol.details               'Full four stranded Holliday junction structure is generated by a 2-fold symmetry axis.' 
_struct_biol.pdbx_parent_biol_id   ? 
# 
loop_
_struct_conn.id 
_struct_conn.conn_type_id 
_struct_conn.pdbx_leaving_atom_flag 
_struct_conn.pdbx_PDB_id 
_struct_conn.ptnr1_label_asym_id 
_struct_conn.ptnr1_label_comp_id 
_struct_conn.ptnr1_label_seq_id 
_struct_conn.ptnr1_label_atom_id 
_struct_conn.pdbx_ptnr1_label_alt_id 
_struct_conn.pdbx_ptnr1_PDB_ins_code 
_struct_conn.pdbx_ptnr1_standard_comp_id 
_struct_conn.ptnr1_symmetry 
_struct_conn.ptnr2_label_asym_id 
_struct_conn.ptnr2_label_comp_id 
_struct_conn.ptnr2_label_seq_id 
_struct_conn.ptnr2_label_atom_id 
_struct_conn.pdbx_ptnr2_label_alt_id 
_struct_conn.pdbx_ptnr2_PDB_ins_code 
_struct_conn.ptnr1_auth_asym_id 
_struct_conn.ptnr1_auth_comp_id 
_struct_conn.ptnr1_auth_seq_id 
_struct_conn.ptnr2_auth_asym_id 
_struct_conn.ptnr2_auth_comp_id 
_struct_conn.ptnr2_auth_seq_id 
_struct_conn.ptnr2_symmetry 
_struct_conn.pdbx_ptnr3_label_atom_id 
_struct_conn.pdbx_ptnr3_label_seq_id 
_struct_conn.pdbx_ptnr3_label_comp_id 
_struct_conn.pdbx_ptnr3_label_asym_id 
_struct_conn.pdbx_ptnr3_label_alt_id 
_struct_conn.pdbx_ptnr3_PDB_ins_code 
_struct_conn.details 
_struct_conn.pdbx_dist_value 
_struct_conn.pdbx_value_order 
_struct_conn.pdbx_role 
covale1  covale both ? A DC  7 "O3'" ? ? ? 1_555 A 5CM 8  P  ? ? A DC  7 A 5CM 8  1_555 ? ? ? ? ? ? ?            1.602 ? ? 
covale2  covale both ? A 5CM 8 "O3'" ? ? ? 1_555 A DG  9  P  ? ? A 5CM 8 A DG  9  1_555 ? ? ? ? ? ? ?            1.600 ? ? 
covale3  covale both ? B DC  7 "O3'" ? ? ? 1_555 B 5CM 8  P  ? ? B DC  7 B 5CM 8  1_555 ? ? ? ? ? ? ?            1.604 ? ? 
covale4  covale both ? B 5CM 8 "O3'" ? ? ? 1_555 B DG  9  P  ? ? B 5CM 8 B DG  9  1_555 ? ? ? ? ? ? ?            1.604 ? ? 
hydrog1  hydrog ?    ? A DC  1 N3    ? ? ? 1_555 B DG  10 N1 ? ? A DC  1 B DG  10 1_555 ? ? ? ? ? ? WATSON-CRICK ?     ? ? 
hydrog2  hydrog ?    ? A DC  1 N4    ? ? ? 1_555 B DG  10 O6 ? ? A DC  1 B DG  10 1_555 ? ? ? ? ? ? WATSON-CRICK ?     ? ? 
hydrog3  hydrog ?    ? A DC  1 O2    ? ? ? 1_555 B DG  10 N2 ? ? A DC  1 B DG  10 1_555 ? ? ? ? ? ? WATSON-CRICK ?     ? ? 
hydrog4  hydrog ?    ? A DC  2 N3    ? ? ? 1_555 B DG  9  N1 ? ? A DC  2 B DG  9  1_555 ? ? ? ? ? ? WATSON-CRICK ?     ? ? 
hydrog5  hydrog ?    ? A DC  2 N4    ? ? ? 1_555 B DG  9  O6 ? ? A DC  2 B DG  9  1_555 ? ? ? ? ? ? WATSON-CRICK ?     ? ? 
hydrog6  hydrog ?    ? A DC  2 O2    ? ? ? 1_555 B DG  9  N2 ? ? A DC  2 B DG  9  1_555 ? ? ? ? ? ? WATSON-CRICK ?     ? ? 
hydrog7  hydrog ?    ? A DG  4 N1    ? ? ? 1_555 B DC  7  O2 ? ? A DG  4 B DC  7  1_555 ? ? ? ? ? ? 'DG-DC PAIR' ?     ? ? 
hydrog8  hydrog ?    ? A DT  5 N3    ? ? ? 1_555 B DA  6  N1 ? ? A DT  5 B DA  6  1_555 ? ? ? ? ? ? WATSON-CRICK ?     ? ? 
hydrog9  hydrog ?    ? A DT  5 O4    ? ? ? 1_555 B DA  6  N6 ? ? A DT  5 B DA  6  1_555 ? ? ? ? ? ? WATSON-CRICK ?     ? ? 
hydrog10 hydrog ?    ? A DA  6 N1    ? ? ? 1_555 B DT  5  N3 ? ? A DA  6 B DT  5  1_555 ? ? ? ? ? ? WATSON-CRICK ?     ? ? 
hydrog11 hydrog ?    ? A DA  6 N6    ? ? ? 1_555 B DT  5  O4 ? ? A DA  6 B DT  5  1_555 ? ? ? ? ? ? WATSON-CRICK ?     ? ? 
# 
loop_
_struct_conn_type.id 
_struct_conn_type.criteria 
_struct_conn_type.reference 
covale ? ? 
hydrog ? ? 
# 
_pdbx_validate_symm_contact.id                1 
_pdbx_validate_symm_contact.PDB_model_num     1 
_pdbx_validate_symm_contact.auth_atom_id_1    O 
_pdbx_validate_symm_contact.auth_asym_id_1    B 
_pdbx_validate_symm_contact.auth_comp_id_1    HOH 
_pdbx_validate_symm_contact.auth_seq_id_1     42 
_pdbx_validate_symm_contact.PDB_ins_code_1    ? 
_pdbx_validate_symm_contact.label_alt_id_1    ? 
_pdbx_validate_symm_contact.site_symmetry_1   1_555 
_pdbx_validate_symm_contact.auth_atom_id_2    O 
_pdbx_validate_symm_contact.auth_asym_id_2    B 
_pdbx_validate_symm_contact.auth_comp_id_2    HOH 
_pdbx_validate_symm_contact.auth_seq_id_2     42 
_pdbx_validate_symm_contact.PDB_ins_code_2    ? 
_pdbx_validate_symm_contact.label_alt_id_2    ? 
_pdbx_validate_symm_contact.site_symmetry_2   2_655 
_pdbx_validate_symm_contact.dist              1.47 
# 
loop_
_pdbx_struct_mod_residue.id 
_pdbx_struct_mod_residue.label_asym_id 
_pdbx_struct_mod_residue.label_comp_id 
_pdbx_struct_mod_residue.label_seq_id 
_pdbx_struct_mod_residue.auth_asym_id 
_pdbx_struct_mod_residue.auth_comp_id 
_pdbx_struct_mod_residue.auth_seq_id 
_pdbx_struct_mod_residue.PDB_ins_code 
_pdbx_struct_mod_residue.parent_comp_id 
_pdbx_struct_mod_residue.details 
1 A 5CM 8 A 5CM 8 ? DC ? 
2 B 5CM 8 B 5CM 8 ? DC ? 
# 
_pdbx_struct_special_symmetry.id              1 
_pdbx_struct_special_symmetry.PDB_model_num   1 
_pdbx_struct_special_symmetry.auth_asym_id    B 
_pdbx_struct_special_symmetry.auth_comp_id    HOH 
_pdbx_struct_special_symmetry.auth_seq_id     49 
_pdbx_struct_special_symmetry.PDB_ins_code    ? 
_pdbx_struct_special_symmetry.label_asym_id   D 
_pdbx_struct_special_symmetry.label_comp_id   HOH 
_pdbx_struct_special_symmetry.label_seq_id    . 
# 
_pdbx_database_remark.id     300 
_pdbx_database_remark.text   
;BIOMOLECULE: 1   
THIS ENTRY CONTAINS THE CRYSTALLOGRAPHIC ASYMMETRIC UNIT
WHICH CONSISTS OF 2 CHAIN(S). THE FULL BIOLOGICAL UNIT
CONSISTS OF A FOUR STRANDED DNA HOLLIDAY JUNCTION. SEE 
REMARK 350 FOR INFORMATION ON GENERATING THE BIOLOGICAL 
MOLECULE(S).                
;
# 
loop_
_chem_comp_atom.comp_id 
_chem_comp_atom.atom_id 
_chem_comp_atom.type_symbol 
_chem_comp_atom.pdbx_aromatic_flag 
_chem_comp_atom.pdbx_stereo_config 
_chem_comp_atom.pdbx_ordinal 
5CM N1     N N N 1   
5CM C2     C N N 2   
5CM N3     N N N 3   
5CM C4     C N N 4   
5CM C5     C N N 5   
5CM C5A    C N N 6   
5CM C6     C N N 7   
5CM O2     O N N 8   
5CM N4     N N N 9   
5CM "C1'"  C N R 10  
5CM "C2'"  C N N 11  
5CM "C3'"  C N S 12  
5CM "C4'"  C N R 13  
5CM "O4'"  O N N 14  
5CM "O3'"  O N N 15  
5CM "C5'"  C N N 16  
5CM "O5'"  O N N 17  
5CM P      P N N 18  
5CM OP1    O N N 19  
5CM OP2    O N N 20  
5CM OP3    O N N 21  
5CM H5A1   H N N 22  
5CM H5A2   H N N 23  
5CM H5A3   H N N 24  
5CM H6     H N N 25  
5CM HN41   H N N 26  
5CM HN42   H N N 27  
5CM "H1'"  H N N 28  
5CM "H2'"  H N N 29  
5CM "H2''" H N N 30  
5CM "H3'"  H N N 31  
5CM "H4'"  H N N 32  
5CM "HO3'" H N N 33  
5CM "H5'"  H N N 34  
5CM "H5''" H N N 35  
5CM HOP2   H N N 36  
5CM HOP3   H N N 37  
DA  OP3    O N N 38  
DA  P      P N N 39  
DA  OP1    O N N 40  
DA  OP2    O N N 41  
DA  "O5'"  O N N 42  
DA  "C5'"  C N N 43  
DA  "C4'"  C N R 44  
DA  "O4'"  O N N 45  
DA  "C3'"  C N S 46  
DA  "O3'"  O N N 47  
DA  "C2'"  C N N 48  
DA  "C1'"  C N R 49  
DA  N9     N Y N 50  
DA  C8     C Y N 51  
DA  N7     N Y N 52  
DA  C5     C Y N 53  
DA  C6     C Y N 54  
DA  N6     N N N 55  
DA  N1     N Y N 56  
DA  C2     C Y N 57  
DA  N3     N Y N 58  
DA  C4     C Y N 59  
DA  HOP3   H N N 60  
DA  HOP2   H N N 61  
DA  "H5'"  H N N 62  
DA  "H5''" H N N 63  
DA  "H4'"  H N N 64  
DA  "H3'"  H N N 65  
DA  "HO3'" H N N 66  
DA  "H2'"  H N N 67  
DA  "H2''" H N N 68  
DA  "H1'"  H N N 69  
DA  H8     H N N 70  
DA  H61    H N N 71  
DA  H62    H N N 72  
DA  H2     H N N 73  
DC  OP3    O N N 74  
DC  P      P N N 75  
DC  OP1    O N N 76  
DC  OP2    O N N 77  
DC  "O5'"  O N N 78  
DC  "C5'"  C N N 79  
DC  "C4'"  C N R 80  
DC  "O4'"  O N N 81  
DC  "C3'"  C N S 82  
DC  "O3'"  O N N 83  
DC  "C2'"  C N N 84  
DC  "C1'"  C N R 85  
DC  N1     N N N 86  
DC  C2     C N N 87  
DC  O2     O N N 88  
DC  N3     N N N 89  
DC  C4     C N N 90  
DC  N4     N N N 91  
DC  C5     C N N 92  
DC  C6     C N N 93  
DC  HOP3   H N N 94  
DC  HOP2   H N N 95  
DC  "H5'"  H N N 96  
DC  "H5''" H N N 97  
DC  "H4'"  H N N 98  
DC  "H3'"  H N N 99  
DC  "HO3'" H N N 100 
DC  "H2'"  H N N 101 
DC  "H2''" H N N 102 
DC  "H1'"  H N N 103 
DC  H41    H N N 104 
DC  H42    H N N 105 
DC  H5     H N N 106 
DC  H6     H N N 107 
DG  OP3    O N N 108 
DG  P      P N N 109 
DG  OP1    O N N 110 
DG  OP2    O N N 111 
DG  "O5'"  O N N 112 
DG  "C5'"  C N N 113 
DG  "C4'"  C N R 114 
DG  "O4'"  O N N 115 
DG  "C3'"  C N S 116 
DG  "O3'"  O N N 117 
DG  "C2'"  C N N 118 
DG  "C1'"  C N R 119 
DG  N9     N Y N 120 
DG  C8     C Y N 121 
DG  N7     N Y N 122 
DG  C5     C Y N 123 
DG  C6     C N N 124 
DG  O6     O N N 125 
DG  N1     N N N 126 
DG  C2     C N N 127 
DG  N2     N N N 128 
DG  N3     N N N 129 
DG  C4     C Y N 130 
DG  HOP3   H N N 131 
DG  HOP2   H N N 132 
DG  "H5'"  H N N 133 
DG  "H5''" H N N 134 
DG  "H4'"  H N N 135 
DG  "H3'"  H N N 136 
DG  "HO3'" H N N 137 
DG  "H2'"  H N N 138 
DG  "H2''" H N N 139 
DG  "H1'"  H N N 140 
DG  H8     H N N 141 
DG  H1     H N N 142 
DG  H21    H N N 143 
DG  H22    H N N 144 
DI  OP3    O N N 145 
DI  P      P N N 146 
DI  OP1    O N N 147 
DI  OP2    O N N 148 
DI  "O5'"  O N N 149 
DI  "C5'"  C N N 150 
DI  "C4'"  C N R 151 
DI  "O4'"  O N N 152 
DI  "C3'"  C N S 153 
DI  "O3'"  O N N 154 
DI  "C2'"  C N N 155 
DI  "C1'"  C N R 156 
DI  N9     N Y N 157 
DI  C8     C Y N 158 
DI  N7     N Y N 159 
DI  C5     C Y N 160 
DI  C6     C N N 161 
DI  O6     O N N 162 
DI  N1     N N N 163 
DI  C2     C N N 164 
DI  N3     N N N 165 
DI  C4     C Y N 166 
DI  HOP3   H N N 167 
DI  HOP2   H N N 168 
DI  "H5'"  H N N 169 
DI  "H5''" H N N 170 
DI  "H4'"  H N N 171 
DI  "H3'"  H N N 172 
DI  "HO3'" H N N 173 
DI  "H2'"  H N N 174 
DI  "H2''" H N N 175 
DI  "H1'"  H N N 176 
DI  H8     H N N 177 
DI  H1     H N N 178 
DI  H2     H N N 179 
DT  OP3    O N N 180 
DT  P      P N N 181 
DT  OP1    O N N 182 
DT  OP2    O N N 183 
DT  "O5'"  O N N 184 
DT  "C5'"  C N N 185 
DT  "C4'"  C N R 186 
DT  "O4'"  O N N 187 
DT  "C3'"  C N S 188 
DT  "O3'"  O N N 189 
DT  "C2'"  C N N 190 
DT  "C1'"  C N R 191 
DT  N1     N N N 192 
DT  C2     C N N 193 
DT  O2     O N N 194 
DT  N3     N N N 195 
DT  C4     C N N 196 
DT  O4     O N N 197 
DT  C5     C N N 198 
DT  C7     C N N 199 
DT  C6     C N N 200 
DT  HOP3   H N N 201 
DT  HOP2   H N N 202 
DT  "H5'"  H N N 203 
DT  "H5''" H N N 204 
DT  "H4'"  H N N 205 
DT  "H3'"  H N N 206 
DT  "HO3'" H N N 207 
DT  "H2'"  H N N 208 
DT  "H2''" H N N 209 
DT  "H1'"  H N N 210 
DT  H3     H N N 211 
DT  H71    H N N 212 
DT  H72    H N N 213 
DT  H73    H N N 214 
DT  H6     H N N 215 
HOH O      O N N 216 
HOH H1     H N N 217 
HOH H2     H N N 218 
# 
loop_
_chem_comp_bond.comp_id 
_chem_comp_bond.atom_id_1 
_chem_comp_bond.atom_id_2 
_chem_comp_bond.value_order 
_chem_comp_bond.pdbx_aromatic_flag 
_chem_comp_bond.pdbx_stereo_config 
_chem_comp_bond.pdbx_ordinal 
5CM N1    C2     sing N N 1   
5CM N1    C6     sing N N 2   
5CM N1    "C1'"  sing N N 3   
5CM C2    N3     sing N N 4   
5CM C2    O2     doub N N 5   
5CM N3    C4     doub N N 6   
5CM C4    C5     sing N N 7   
5CM C4    N4     sing N N 8   
5CM C5    C5A    sing N N 9   
5CM C5    C6     doub N N 10  
5CM C5A   H5A1   sing N N 11  
5CM C5A   H5A2   sing N N 12  
5CM C5A   H5A3   sing N N 13  
5CM C6    H6     sing N N 14  
5CM N4    HN41   sing N N 15  
5CM N4    HN42   sing N N 16  
5CM "C1'" "C2'"  sing N N 17  
5CM "C1'" "O4'"  sing N N 18  
5CM "C1'" "H1'"  sing N N 19  
5CM "C2'" "C3'"  sing N N 20  
5CM "C2'" "H2'"  sing N N 21  
5CM "C2'" "H2''" sing N N 22  
5CM "C3'" "C4'"  sing N N 23  
5CM "C3'" "O3'"  sing N N 24  
5CM "C3'" "H3'"  sing N N 25  
5CM "C4'" "O4'"  sing N N 26  
5CM "C4'" "C5'"  sing N N 27  
5CM "C4'" "H4'"  sing N N 28  
5CM "O3'" "HO3'" sing N N 29  
5CM "C5'" "O5'"  sing N N 30  
5CM "C5'" "H5'"  sing N N 31  
5CM "C5'" "H5''" sing N N 32  
5CM "O5'" P      sing N N 33  
5CM P     OP1    doub N N 34  
5CM P     OP2    sing N N 35  
5CM P     OP3    sing N N 36  
5CM OP2   HOP2   sing N N 37  
5CM OP3   HOP3   sing N N 38  
DA  OP3   P      sing N N 39  
DA  OP3   HOP3   sing N N 40  
DA  P     OP1    doub N N 41  
DA  P     OP2    sing N N 42  
DA  P     "O5'"  sing N N 43  
DA  OP2   HOP2   sing N N 44  
DA  "O5'" "C5'"  sing N N 45  
DA  "C5'" "C4'"  sing N N 46  
DA  "C5'" "H5'"  sing N N 47  
DA  "C5'" "H5''" sing N N 48  
DA  "C4'" "O4'"  sing N N 49  
DA  "C4'" "C3'"  sing N N 50  
DA  "C4'" "H4'"  sing N N 51  
DA  "O4'" "C1'"  sing N N 52  
DA  "C3'" "O3'"  sing N N 53  
DA  "C3'" "C2'"  sing N N 54  
DA  "C3'" "H3'"  sing N N 55  
DA  "O3'" "HO3'" sing N N 56  
DA  "C2'" "C1'"  sing N N 57  
DA  "C2'" "H2'"  sing N N 58  
DA  "C2'" "H2''" sing N N 59  
DA  "C1'" N9     sing N N 60  
DA  "C1'" "H1'"  sing N N 61  
DA  N9    C8     sing Y N 62  
DA  N9    C4     sing Y N 63  
DA  C8    N7     doub Y N 64  
DA  C8    H8     sing N N 65  
DA  N7    C5     sing Y N 66  
DA  C5    C6     sing Y N 67  
DA  C5    C4     doub Y N 68  
DA  C6    N6     sing N N 69  
DA  C6    N1     doub Y N 70  
DA  N6    H61    sing N N 71  
DA  N6    H62    sing N N 72  
DA  N1    C2     sing Y N 73  
DA  C2    N3     doub Y N 74  
DA  C2    H2     sing N N 75  
DA  N3    C4     sing Y N 76  
DC  OP3   P      sing N N 77  
DC  OP3   HOP3   sing N N 78  
DC  P     OP1    doub N N 79  
DC  P     OP2    sing N N 80  
DC  P     "O5'"  sing N N 81  
DC  OP2   HOP2   sing N N 82  
DC  "O5'" "C5'"  sing N N 83  
DC  "C5'" "C4'"  sing N N 84  
DC  "C5'" "H5'"  sing N N 85  
DC  "C5'" "H5''" sing N N 86  
DC  "C4'" "O4'"  sing N N 87  
DC  "C4'" "C3'"  sing N N 88  
DC  "C4'" "H4'"  sing N N 89  
DC  "O4'" "C1'"  sing N N 90  
DC  "C3'" "O3'"  sing N N 91  
DC  "C3'" "C2'"  sing N N 92  
DC  "C3'" "H3'"  sing N N 93  
DC  "O3'" "HO3'" sing N N 94  
DC  "C2'" "C1'"  sing N N 95  
DC  "C2'" "H2'"  sing N N 96  
DC  "C2'" "H2''" sing N N 97  
DC  "C1'" N1     sing N N 98  
DC  "C1'" "H1'"  sing N N 99  
DC  N1    C2     sing N N 100 
DC  N1    C6     sing N N 101 
DC  C2    O2     doub N N 102 
DC  C2    N3     sing N N 103 
DC  N3    C4     doub N N 104 
DC  C4    N4     sing N N 105 
DC  C4    C5     sing N N 106 
DC  N4    H41    sing N N 107 
DC  N4    H42    sing N N 108 
DC  C5    C6     doub N N 109 
DC  C5    H5     sing N N 110 
DC  C6    H6     sing N N 111 
DG  OP3   P      sing N N 112 
DG  OP3   HOP3   sing N N 113 
DG  P     OP1    doub N N 114 
DG  P     OP2    sing N N 115 
DG  P     "O5'"  sing N N 116 
DG  OP2   HOP2   sing N N 117 
DG  "O5'" "C5'"  sing N N 118 
DG  "C5'" "C4'"  sing N N 119 
DG  "C5'" "H5'"  sing N N 120 
DG  "C5'" "H5''" sing N N 121 
DG  "C4'" "O4'"  sing N N 122 
DG  "C4'" "C3'"  sing N N 123 
DG  "C4'" "H4'"  sing N N 124 
DG  "O4'" "C1'"  sing N N 125 
DG  "C3'" "O3'"  sing N N 126 
DG  "C3'" "C2'"  sing N N 127 
DG  "C3'" "H3'"  sing N N 128 
DG  "O3'" "HO3'" sing N N 129 
DG  "C2'" "C1'"  sing N N 130 
DG  "C2'" "H2'"  sing N N 131 
DG  "C2'" "H2''" sing N N 132 
DG  "C1'" N9     sing N N 133 
DG  "C1'" "H1'"  sing N N 134 
DG  N9    C8     sing Y N 135 
DG  N9    C4     sing Y N 136 
DG  C8    N7     doub Y N 137 
DG  C8    H8     sing N N 138 
DG  N7    C5     sing Y N 139 
DG  C5    C6     sing N N 140 
DG  C5    C4     doub Y N 141 
DG  C6    O6     doub N N 142 
DG  C6    N1     sing N N 143 
DG  N1    C2     sing N N 144 
DG  N1    H1     sing N N 145 
DG  C2    N2     sing N N 146 
DG  C2    N3     doub N N 147 
DG  N2    H21    sing N N 148 
DG  N2    H22    sing N N 149 
DG  N3    C4     sing N N 150 
DI  OP3   P      sing N N 151 
DI  OP3   HOP3   sing N N 152 
DI  P     OP1    doub N N 153 
DI  P     OP2    sing N N 154 
DI  P     "O5'"  sing N N 155 
DI  OP2   HOP2   sing N N 156 
DI  "O5'" "C5'"  sing N N 157 
DI  "C5'" "C4'"  sing N N 158 
DI  "C5'" "H5'"  sing N N 159 
DI  "C5'" "H5''" sing N N 160 
DI  "C4'" "O4'"  sing N N 161 
DI  "C4'" "C3'"  sing N N 162 
DI  "C4'" "H4'"  sing N N 163 
DI  "O4'" "C1'"  sing N N 164 
DI  "C3'" "O3'"  sing N N 165 
DI  "C3'" "C2'"  sing N N 166 
DI  "C3'" "H3'"  sing N N 167 
DI  "O3'" "HO3'" sing N N 168 
DI  "C2'" "C1'"  sing N N 169 
DI  "C2'" "H2'"  sing N N 170 
DI  "C2'" "H2''" sing N N 171 
DI  "C1'" N9     sing N N 172 
DI  "C1'" "H1'"  sing N N 173 
DI  N9    C8     sing Y N 174 
DI  N9    C4     sing Y N 175 
DI  C8    N7     doub Y N 176 
DI  C8    H8     sing N N 177 
DI  N7    C5     sing Y N 178 
DI  C5    C6     sing N N 179 
DI  C5    C4     doub Y N 180 
DI  C6    O6     doub N N 181 
DI  C6    N1     sing N N 182 
DI  N1    C2     sing N N 183 
DI  N1    H1     sing N N 184 
DI  C2    N3     doub N N 185 
DI  C2    H2     sing N N 186 
DI  N3    C4     sing N N 187 
DT  OP3   P      sing N N 188 
DT  OP3   HOP3   sing N N 189 
DT  P     OP1    doub N N 190 
DT  P     OP2    sing N N 191 
DT  P     "O5'"  sing N N 192 
DT  OP2   HOP2   sing N N 193 
DT  "O5'" "C5'"  sing N N 194 
DT  "C5'" "C4'"  sing N N 195 
DT  "C5'" "H5'"  sing N N 196 
DT  "C5'" "H5''" sing N N 197 
DT  "C4'" "O4'"  sing N N 198 
DT  "C4'" "C3'"  sing N N 199 
DT  "C4'" "H4'"  sing N N 200 
DT  "O4'" "C1'"  sing N N 201 
DT  "C3'" "O3'"  sing N N 202 
DT  "C3'" "C2'"  sing N N 203 
DT  "C3'" "H3'"  sing N N 204 
DT  "O3'" "HO3'" sing N N 205 
DT  "C2'" "C1'"  sing N N 206 
DT  "C2'" "H2'"  sing N N 207 
DT  "C2'" "H2''" sing N N 208 
DT  "C1'" N1     sing N N 209 
DT  "C1'" "H1'"  sing N N 210 
DT  N1    C2     sing N N 211 
DT  N1    C6     sing N N 212 
DT  C2    O2     doub N N 213 
DT  C2    N3     sing N N 214 
DT  N3    C4     sing N N 215 
DT  N3    H3     sing N N 216 
DT  C4    O4     doub N N 217 
DT  C4    C5     sing N N 218 
DT  C5    C7     sing N N 219 
DT  C5    C6     doub N N 220 
DT  C7    H71    sing N N 221 
DT  C7    H72    sing N N 222 
DT  C7    H73    sing N N 223 
DT  C6    H6     sing N N 224 
HOH O     H1     sing N N 225 
HOH O     H2     sing N N 226 
# 
loop_
_ndb_struct_conf_na.entry_id 
_ndb_struct_conf_na.feature 
1S1L 'b-form double helix'  
1S1L 'mismatched base pair' 
# 
loop_
_ndb_struct_na_base_pair.model_number 
_ndb_struct_na_base_pair.i_label_asym_id 
_ndb_struct_na_base_pair.i_label_comp_id 
_ndb_struct_na_base_pair.i_label_seq_id 
_ndb_struct_na_base_pair.i_symmetry 
_ndb_struct_na_base_pair.j_label_asym_id 
_ndb_struct_na_base_pair.j_label_comp_id 
_ndb_struct_na_base_pair.j_label_seq_id 
_ndb_struct_na_base_pair.j_symmetry 
_ndb_struct_na_base_pair.shear 
_ndb_struct_na_base_pair.stretch 
_ndb_struct_na_base_pair.stagger 
_ndb_struct_na_base_pair.buckle 
_ndb_struct_na_base_pair.propeller 
_ndb_struct_na_base_pair.opening 
_ndb_struct_na_base_pair.pair_number 
_ndb_struct_na_base_pair.pair_name 
_ndb_struct_na_base_pair.i_auth_asym_id 
_ndb_struct_na_base_pair.i_auth_seq_id 
_ndb_struct_na_base_pair.i_PDB_ins_code 
_ndb_struct_na_base_pair.j_auth_asym_id 
_ndb_struct_na_base_pair.j_auth_seq_id 
_ndb_struct_na_base_pair.j_PDB_ins_code 
_ndb_struct_na_base_pair.hbond_type_28 
_ndb_struct_na_base_pair.hbond_type_12 
1 A DC 1 1_555 B DG 10 1_555 0.616  -0.432 -0.114 2.947  -24.710 1.658  1 A_DC1:DG10_B A 1 ? B 10 ? 19 1 
1 A DC 2 1_555 B DG 9  1_555 0.974  -0.090 0.644  -6.868 -5.580  11.520 2 A_DC2:DG9_B  A 2 ? B 9  ? 19 1 
1 A DG 4 1_555 B DC 7  1_555 -1.617 -0.356 -0.660 -5.017 -38.558 4.531  3 A_DG4:DC7_B  A 4 ? B 7  ? ?  1 
1 A DT 5 1_555 B DA 6  1_555 0.025  0.083  0.219  -7.572 -26.722 -7.003 4 A_DT5:DA6_B  A 5 ? B 6  ? 20 1 
1 A DA 6 1_555 B DT 5  1_555 -0.054 -0.122 0.079  -9.693 -17.070 7.074  5 A_DA6:DT5_B  A 6 ? B 5  ? 20 1 
# 
loop_
_ndb_struct_na_base_pair_step.model_number 
_ndb_struct_na_base_pair_step.i_label_asym_id_1 
_ndb_struct_na_base_pair_step.i_label_comp_id_1 
_ndb_struct_na_base_pair_step.i_label_seq_id_1 
_ndb_struct_na_base_pair_step.i_symmetry_1 
_ndb_struct_na_base_pair_step.j_label_asym_id_1 
_ndb_struct_na_base_pair_step.j_label_comp_id_1 
_ndb_struct_na_base_pair_step.j_label_seq_id_1 
_ndb_struct_na_base_pair_step.j_symmetry_1 
_ndb_struct_na_base_pair_step.i_label_asym_id_2 
_ndb_struct_na_base_pair_step.i_label_comp_id_2 
_ndb_struct_na_base_pair_step.i_label_seq_id_2 
_ndb_struct_na_base_pair_step.i_symmetry_2 
_ndb_struct_na_base_pair_step.j_label_asym_id_2 
_ndb_struct_na_base_pair_step.j_label_comp_id_2 
_ndb_struct_na_base_pair_step.j_label_seq_id_2 
_ndb_struct_na_base_pair_step.j_symmetry_2 
_ndb_struct_na_base_pair_step.shift 
_ndb_struct_na_base_pair_step.slide 
_ndb_struct_na_base_pair_step.rise 
_ndb_struct_na_base_pair_step.tilt 
_ndb_struct_na_base_pair_step.roll 
_ndb_struct_na_base_pair_step.twist 
_ndb_struct_na_base_pair_step.x_displacement 
_ndb_struct_na_base_pair_step.y_displacement 
_ndb_struct_na_base_pair_step.helical_rise 
_ndb_struct_na_base_pair_step.inclination 
_ndb_struct_na_base_pair_step.tip 
_ndb_struct_na_base_pair_step.helical_twist 
_ndb_struct_na_base_pair_step.step_number 
_ndb_struct_na_base_pair_step.step_name 
_ndb_struct_na_base_pair_step.i_auth_asym_id_1 
_ndb_struct_na_base_pair_step.i_auth_seq_id_1 
_ndb_struct_na_base_pair_step.i_PDB_ins_code_1 
_ndb_struct_na_base_pair_step.j_auth_asym_id_1 
_ndb_struct_na_base_pair_step.j_auth_seq_id_1 
_ndb_struct_na_base_pair_step.j_PDB_ins_code_1 
_ndb_struct_na_base_pair_step.i_auth_asym_id_2 
_ndb_struct_na_base_pair_step.i_auth_seq_id_2 
_ndb_struct_na_base_pair_step.i_PDB_ins_code_2 
_ndb_struct_na_base_pair_step.j_auth_asym_id_2 
_ndb_struct_na_base_pair_step.j_auth_seq_id_2 
_ndb_struct_na_base_pair_step.j_PDB_ins_code_2 
1 A DC 1 1_555 B DG 10 1_555 A DC 2 1_555 B DG 9 1_555 0.736  2.554 3.895 -1.865  4.206 43.094 2.958 -1.219 4.081 5.706 2.530  
43.327 1 AA_DC1DC2:DG9DG10_BB A 1 ? B 10 ? A 2 ? B 9 ? 
1 A DG 4 1_555 B DC 7  1_555 A DT 5 1_555 B DA 6 1_555 -0.493 0.451 3.367 -12.660 3.124 40.938 0.287 -0.660 3.392 4.336 17.572 
42.879 2 AA_DG4DT5:DA6DC7_BB  A 4 ? B 7  ? A 5 ? B 6 ? 
1 A DT 5 1_555 B DA 6  1_555 A DA 6 1_555 B DT 5 1_555 1.321  1.115 3.404 6.372   3.415 42.057 1.160 -1.122 3.633 4.716 -8.801 
42.646 3 AA_DT5DA6:DT5DA6_BB  A 5 ? B 6  ? A 6 ? B 5 ? 
# 
_pdbx_initial_refinement_model.accession_code   1L6B 
_pdbx_initial_refinement_model.id               1 
_pdbx_initial_refinement_model.entity_id_list   ? 
_pdbx_initial_refinement_model.type             'experimental model' 
_pdbx_initial_refinement_model.source_name      PDB 
_pdbx_initial_refinement_model.details          'ndb id UD0019' 
# 
_atom_sites.entry_id                    1S1L 
_atom_sites.fract_transf_matrix[1][1]   -0.00197455 
_atom_sites.fract_transf_matrix[1][2]   -0.00484320 
_atom_sites.fract_transf_matrix[1][3]   0.01545101 
_atom_sites.fract_transf_matrix[2][1]   -0.03298872 
_atom_sites.fract_transf_matrix[2][2]   -0.02039855 
_atom_sites.fract_transf_matrix[2][3]   -0.01060981 
_atom_sites.fract_transf_matrix[3][1]   0.01392750 
_atom_sites.fract_transf_matrix[3][2]   -0.02459960 
_atom_sites.fract_transf_matrix[3][3]   0.00399118 
_atom_sites.fract_transf_vector[1]      0.548104 
_atom_sites.fract_transf_vector[2]      0.018793 
_atom_sites.fract_transf_vector[3]      0.345632 
# 
loop_
_atom_type.symbol 
C 
N 
O 
P 
# 
loop_
_atom_site.group_PDB 
_atom_site.id 
_atom_site.type_symbol 
_atom_site.label_atom_id 
_atom_site.label_alt_id 
_atom_site.label_comp_id 
_atom_site.label_asym_id 
_atom_site.label_entity_id 
_atom_site.label_seq_id 
_atom_site.pdbx_PDB_ins_code 
_atom_site.Cartn_x 
_atom_site.Cartn_y 
_atom_site.Cartn_z 
_atom_site.occupancy 
_atom_site.B_iso_or_equiv 
_atom_site.pdbx_formal_charge 
_atom_site.auth_seq_id 
_atom_site.auth_comp_id 
_atom_site.auth_asym_id 
_atom_site.auth_atom_id 
_atom_site.pdbx_PDB_model_num 
ATOM   1   O "O5'" . DC  A 1 1  ? -5.860  9.985   9.826   1.00 1.00  ? 1  DC  A "O5'" 1 
ATOM   2   C "C5'" . DC  A 1 1  ? -5.750  10.700  11.049  1.00 1.00  ? 1  DC  A "C5'" 1 
ATOM   3   C "C4'" . DC  A 1 1  ? -4.436  10.456  11.752  1.00 1.00  ? 1  DC  A "C4'" 1 
ATOM   4   O "O4'" . DC  A 1 1  ? -4.425  9.141   12.359  1.00 1.00  ? 1  DC  A "O4'" 1 
ATOM   5   C "C3'" . DC  A 1 1  ? -3.205  10.511  10.843  1.00 10.29 ? 1  DC  A "C3'" 1 
ATOM   6   O "O3'" . DC  A 1 1  ? -2.129  11.123  11.548  1.00 11.78 ? 1  DC  A "O3'" 1 
ATOM   7   C "C2'" . DC  A 1 1  ? -2.877  9.047   10.619  1.00 6.72  ? 1  DC  A "C2'" 1 
ATOM   8   C "C1'" . DC  A 1 1  ? -3.236  8.472   11.974  1.00 4.75  ? 1  DC  A "C1'" 1 
ATOM   9   N N1    . DC  A 1 1  ? -3.488  7.025   12.004  1.00 1.00  ? 1  DC  A N1    1 
ATOM   10  C C2    . DC  A 1 1  ? -2.435  6.171   12.339  1.00 1.00  ? 1  DC  A C2    1 
ATOM   11  O O2    . DC  A 1 1  ? -1.319  6.657   12.550  1.00 1.00  ? 1  DC  A O2    1 
ATOM   12  N N3    . DC  A 1 1  ? -2.663  4.839   12.418  1.00 1.67  ? 1  DC  A N3    1 
ATOM   13  C C4    . DC  A 1 1  ? -3.883  4.356   12.168  1.00 1.00  ? 1  DC  A C4    1 
ATOM   14  N N4    . DC  A 1 1  ? -4.072  3.038   12.277  1.00 1.00  ? 1  DC  A N4    1 
ATOM   15  C C5    . DC  A 1 1  ? -4.965  5.204   11.799  1.00 1.00  ? 1  DC  A C5    1 
ATOM   16  C C6    . DC  A 1 1  ? -4.725  6.518   11.729  1.00 1.77  ? 1  DC  A C6    1 
ATOM   17  P P     . DC  A 1 2  ? -1.562  12.535  11.054  1.00 14.35 ? 2  DC  A P     1 
ATOM   18  O OP1   . DC  A 1 2  ? -0.846  13.139  12.208  1.00 12.78 ? 2  DC  A OP1   1 
ATOM   19  O OP2   . DC  A 1 2  ? -2.668  13.274  10.403  1.00 15.53 ? 2  DC  A OP2   1 
ATOM   20  O "O5'" . DC  A 1 2  ? -0.511  12.153  9.919   1.00 16.14 ? 2  DC  A "O5'" 1 
ATOM   21  C "C5'" . DC  A 1 2  ? 0.655   11.392  10.217  1.00 6.72  ? 2  DC  A "C5'" 1 
ATOM   22  C "C4'" . DC  A 1 2  ? 1.076   10.596  9.003   1.00 12.12 ? 2  DC  A "C4'" 1 
ATOM   23  O "O4'" . DC  A 1 2  ? 0.254   9.415   8.846   1.00 6.52  ? 2  DC  A "O4'" 1 
ATOM   24  C "C3'" . DC  A 1 2  ? 0.974   11.355  7.677   1.00 16.67 ? 2  DC  A "C3'" 1 
ATOM   25  O "O3'" . DC  A 1 2  ? 2.073   11.006  6.831   1.00 13.78 ? 2  DC  A "O3'" 1 
ATOM   26  C "C2'" . DC  A 1 2  ? -0.312  10.819  7.074   1.00 12.35 ? 2  DC  A "C2'" 1 
ATOM   27  C "C1'" . DC  A 1 2  ? -0.247  9.370   7.518   1.00 12.53 ? 2  DC  A "C1'" 1 
ATOM   28  N N1    . DC  A 1 2  ? -1.522  8.637   7.539   1.00 7.98  ? 2  DC  A N1    1 
ATOM   29  C C2    . DC  A 1 2  ? -1.485  7.263   7.748   1.00 7.12  ? 2  DC  A C2    1 
ATOM   30  O O2    . DC  A 1 2  ? -0.381  6.706   7.844   1.00 3.18  ? 2  DC  A O2    1 
ATOM   31  N N3    . DC  A 1 2  ? -2.645  6.572   7.829   1.00 1.22  ? 2  DC  A N3    1 
ATOM   32  C C4    . DC  A 1 2  ? -3.807  7.203   7.682   1.00 7.59  ? 2  DC  A C4    1 
ATOM   33  N N4    . DC  A 1 2  ? -4.927  6.479   7.781   1.00 8.53  ? 2  DC  A N4    1 
ATOM   34  C C5    . DC  A 1 2  ? -3.876  8.605   7.430   1.00 8.01  ? 2  DC  A C5    1 
ATOM   35  C C6    . DC  A 1 2  ? -2.720  9.277   7.369   1.00 6.92  ? 2  DC  A C6    1 
ATOM   36  P P     . DI  A 1 3  ? 2.885   12.161  6.071   1.00 14.71 ? 3  DI  A P     1 
ATOM   37  O OP1   . DI  A 1 3  ? 3.748   12.832  7.080   1.00 8.47  ? 3  DI  A OP1   1 
ATOM   38  O OP2   . DI  A 1 3  ? 1.924   12.958  5.265   1.00 12.58 ? 3  DI  A OP2   1 
ATOM   39  O "O5'" . DI  A 1 3  ? 3.816   11.374  5.055   1.00 21.75 ? 3  DI  A "O5'" 1 
ATOM   40  C "C5'" . DI  A 1 3  ? 4.488   10.185  5.450   1.00 25.82 ? 3  DI  A "C5'" 1 
ATOM   41  C "C4'" . DI  A 1 3  ? 4.275   9.113   4.409   1.00 23.43 ? 3  DI  A "C4'" 1 
ATOM   42  O "O4'" . DI  A 1 3  ? 3.018   8.425   4.630   1.00 19.89 ? 3  DI  A "O4'" 1 
ATOM   43  C "C3'" . DI  A 1 3  ? 4.220   9.665   2.981   1.00 19.22 ? 3  DI  A "C3'" 1 
ATOM   44  O "O3'" . DI  A 1 3  ? 4.927   8.791   2.100   1.00 24.90 ? 3  DI  A "O3'" 1 
ATOM   45  C "C2'" . DI  A 1 3  ? 2.735   9.639   2.659   1.00 21.07 ? 3  DI  A "C2'" 1 
ATOM   46  C "C1'" . DI  A 1 3  ? 2.303   8.392   3.405   1.00 21.19 ? 3  DI  A "C1'" 1 
ATOM   47  N N9    . DI  A 1 3  ? 0.872   8.248   3.691   1.00 14.90 ? 3  DI  A N9    1 
ATOM   48  C C8    . DI  A 1 3  ? -0.154  9.122   3.443   1.00 16.43 ? 3  DI  A C8    1 
ATOM   49  N N7    . DI  A 1 3  ? -1.341  8.647   3.750   1.00 16.21 ? 3  DI  A N7    1 
ATOM   50  C C5    . DI  A 1 3  ? -1.073  7.381   4.253   1.00 13.33 ? 3  DI  A C5    1 
ATOM   51  C C6    . DI  A 1 3  ? -1.914  6.358   4.747   1.00 9.75  ? 3  DI  A C6    1 
ATOM   52  O O6    . DI  A 1 3  ? -3.141  6.409   4.837   1.00 12.95 ? 3  DI  A O6    1 
ATOM   53  N N1    . DI  A 1 3  ? -1.311  5.226   5.161   1.00 11.03 ? 3  DI  A N1    1 
ATOM   54  C C2    . DI  A 1 3  ? 0.021   5.135   5.096   1.00 15.27 ? 3  DI  A C2    1 
ATOM   55  N N3    . DI  A 1 3  ? 0.906   6.018   4.657   1.00 6.39  ? 3  DI  A N3    1 
ATOM   56  C C4    . DI  A 1 3  ? 0.287   7.131   4.241   1.00 12.30 ? 3  DI  A C4    1 
ATOM   57  P P     . DG  A 1 4  ? 6.492   9.038   1.824   1.00 25.55 ? 4  DG  A P     1 
ATOM   58  O OP1   . DG  A 1 4  ? 7.004   9.889   2.926   1.00 32.66 ? 4  DG  A OP1   1 
ATOM   59  O OP2   . DG  A 1 4  ? 6.653   9.480   0.414   1.00 32.45 ? 4  DG  A OP2   1 
ATOM   60  O "O5'" . DG  A 1 4  ? 7.134   7.586   1.962   1.00 23.32 ? 4  DG  A "O5'" 1 
ATOM   61  C "C5'" . DG  A 1 4  ? 7.490   7.042   3.238   1.00 24.55 ? 4  DG  A "C5'" 1 
ATOM   62  C "C4'" . DG  A 1 4  ? 7.269   5.546   3.249   1.00 26.26 ? 4  DG  A "C4'" 1 
ATOM   63  O "O4'" . DG  A 1 4  ? 5.848   5.274   3.249   1.00 27.09 ? 4  DG  A "O4'" 1 
ATOM   64  C "C3'" . DG  A 1 4  ? 7.835   4.808   2.034   1.00 19.30 ? 4  DG  A "C3'" 1 
ATOM   65  O "O3'" . DG  A 1 4  ? 8.298   3.506   2.413   1.00 23.84 ? 4  DG  A "O3'" 1 
ATOM   66  C "C2'" . DG  A 1 4  ? 6.639   4.698   1.109   1.00 21.49 ? 4  DG  A "C2'" 1 
ATOM   67  C "C1'" . DG  A 1 4  ? 5.478   4.553   2.079   1.00 25.16 ? 4  DG  A "C1'" 1 
ATOM   68  N N9    . DG  A 1 4  ? 4.230   5.125   1.588   1.00 24.73 ? 4  DG  A N9    1 
ATOM   69  C C8    . DG  A 1 4  ? 4.095   6.215   0.761   1.00 25.87 ? 4  DG  A C8    1 
ATOM   70  N N7    . DG  A 1 4  ? 2.853   6.516   0.509   1.00 27.77 ? 4  DG  A N7    1 
ATOM   71  C C5    . DG  A 1 4  ? 2.120   5.570   1.210   1.00 25.32 ? 4  DG  A C5    1 
ATOM   72  C C6    . DG  A 1 4  ? 0.721   5.407   1.333   1.00 25.14 ? 4  DG  A C6    1 
ATOM   73  O O6    . DG  A 1 4  ? -0.181  6.107   0.855   1.00 26.12 ? 4  DG  A O6    1 
ATOM   74  N N1    . DG  A 1 4  ? 0.401   4.307   2.123   1.00 24.09 ? 4  DG  A N1    1 
ATOM   75  C C2    . DG  A 1 4  ? 1.312   3.482   2.735   1.00 25.60 ? 4  DG  A C2    1 
ATOM   76  N N2    . DG  A 1 4  ? 0.799   2.472   3.457   1.00 23.11 ? 4  DG  A N2    1 
ATOM   77  N N3    . DG  A 1 4  ? 2.627   3.636   2.646   1.00 23.58 ? 4  DG  A N3    1 
ATOM   78  C C4    . DG  A 1 4  ? 2.956   4.693   1.870   1.00 24.58 ? 4  DG  A C4    1 
ATOM   79  P P     . DT  A 1 5  ? 8.766   2.459   1.281   1.00 28.88 ? 5  DT  A P     1 
ATOM   80  O OP1   . DT  A 1 5  ? 9.868   1.636   1.841   1.00 24.60 ? 5  DT  A OP1   1 
ATOM   81  O OP2   . DT  A 1 5  ? 8.967   3.197   0.006   1.00 22.56 ? 5  DT  A OP2   1 
ATOM   82  O "O5'" . DT  A 1 5  ? 7.509   1.504   1.111   1.00 19.01 ? 5  DT  A "O5'" 1 
ATOM   83  C "C5'" . DT  A 1 5  ? 6.948   0.856   2.240   1.00 19.08 ? 5  DT  A "C5'" 1 
ATOM   84  C "C4'" . DT  A 1 5  ? 5.720   0.077   1.837   1.00 13.85 ? 5  DT  A "C4'" 1 
ATOM   85  O "O4'" . DT  A 1 5  ? 4.676   0.990   1.422   1.00 18.11 ? 5  DT  A "O4'" 1 
ATOM   86  C "C3'" . DT  A 1 5  ? 5.928   -0.885  0.667   1.00 14.03 ? 5  DT  A "C3'" 1 
ATOM   87  O "O3'" . DT  A 1 5  ? 5.197   -2.087  0.927   1.00 9.53  ? 5  DT  A "O3'" 1 
ATOM   88  C "C2'" . DT  A 1 5  ? 5.331   -0.135  -0.512  1.00 8.66  ? 5  DT  A "C2'" 1 
ATOM   89  C "C1'" . DT  A 1 5  ? 4.182   0.589   0.156   1.00 17.53 ? 5  DT  A "C1'" 1 
ATOM   90  N N1    . DT  A 1 5  ? 3.673   1.785   -0.537  1.00 14.56 ? 5  DT  A N1    1 
ATOM   91  C C2    . DT  A 1 5  ? 2.309   1.908   -0.664  1.00 16.07 ? 5  DT  A C2    1 
ATOM   92  O O2    . DT  A 1 5  ? 1.524   1.088   -0.221  1.00 16.16 ? 5  DT  A O2    1 
ATOM   93  N N3    . DT  A 1 5  ? 1.893   3.034   -1.333  1.00 13.58 ? 5  DT  A N3    1 
ATOM   94  C C4    . DT  A 1 5  ? 2.689   4.022   -1.872  1.00 14.04 ? 5  DT  A C4    1 
ATOM   95  O O4    . DT  A 1 5  ? 2.173   4.968   -2.455  1.00 19.14 ? 5  DT  A O4    1 
ATOM   96  C C5    . DT  A 1 5  ? 4.112   3.835   -1.692  1.00 16.08 ? 5  DT  A C5    1 
ATOM   97  C C7    . DT  A 1 5  ? 5.053   4.862   -2.237  1.00 18.57 ? 5  DT  A C7    1 
ATOM   98  C C6    . DT  A 1 5  ? 4.527   2.741   -1.041  1.00 14.85 ? 5  DT  A C6    1 
ATOM   99  P P     . DA  A 1 6  ? 5.233   -3.289  -0.135  1.00 6.96  ? 6  DA  A P     1 
ATOM   100 O OP1   . DA  A 1 6  ? 5.129   -4.563  0.624   1.00 4.78  ? 6  DA  A OP1   1 
ATOM   101 O OP2   . DA  A 1 6  ? 6.378   -3.074  -1.055  1.00 16.56 ? 6  DA  A OP2   1 
ATOM   102 O "O5'" . DA  A 1 6  ? 3.881   -3.111  -0.948  1.00 10.40 ? 6  DA  A "O5'" 1 
ATOM   103 C "C5'" . DA  A 1 6  ? 2.622   -3.368  -0.328  1.00 13.62 ? 6  DA  A "C5'" 1 
ATOM   104 C "C4'" . DA  A 1 6  ? 1.533   -3.423  -1.373  1.00 9.78  ? 6  DA  A "C4'" 1 
ATOM   105 O "O4'" . DA  A 1 6  ? 1.382   -2.115  -1.973  1.00 5.65  ? 6  DA  A "O4'" 1 
ATOM   106 C "C3'" . DA  A 1 6  ? 1.829   -4.389  -2.522  1.00 7.34  ? 6  DA  A "C3'" 1 
ATOM   107 O "O3'" . DA  A 1 6  ? 0.616   -5.005  -2.959  1.00 5.42  ? 6  DA  A "O3'" 1 
ATOM   108 C "C2'" . DA  A 1 6  ? 2.377   -3.477  -3.604  1.00 6.39  ? 6  DA  A "C2'" 1 
ATOM   109 C "C1'" . DA  A 1 6  ? 1.580   -2.204  -3.378  1.00 11.86 ? 6  DA  A "C1'" 1 
ATOM   110 N N9    . DA  A 1 6  ? 2.244   -0.975  -3.821  1.00 7.81  ? 6  DA  A N9    1 
ATOM   111 C C8    . DA  A 1 6  ? 3.584   -0.766  -4.006  1.00 7.56  ? 6  DA  A C8    1 
ATOM   112 N N7    . DA  A 1 6  ? 3.877   0.442   -4.426  1.00 12.59 ? 6  DA  A N7    1 
ATOM   113 C C5    . DA  A 1 6  ? 2.646   1.074   -4.516  1.00 7.73  ? 6  DA  A C5    1 
ATOM   114 C C6    . DA  A 1 6  ? 2.275   2.371   -4.907  1.00 7.11  ? 6  DA  A C6    1 
ATOM   115 N N6    . DA  A 1 6  ? 3.143   3.307   -5.293  1.00 1.00  ? 6  DA  A N6    1 
ATOM   116 N N1    . DA  A 1 6  ? 0.963   2.678   -4.889  1.00 15.14 ? 6  DA  A N1    1 
ATOM   117 C C2    . DA  A 1 6  ? 0.093   1.740   -4.501  1.00 10.68 ? 6  DA  A C2    1 
ATOM   118 N N3    . DA  A 1 6  ? 0.318   0.493   -4.115  1.00 9.41  ? 6  DA  A N3    1 
ATOM   119 C C4    . DA  A 1 6  ? 1.631   0.216   -4.145  1.00 5.51  ? 6  DA  A C4    1 
ATOM   120 P P     . DC  A 1 7  ? 0.056   -6.293  -2.186  1.00 1.00  ? 7  DC  A P     1 
ATOM   121 O OP1   . DC  A 1 7  ? -1.316  -6.564  -2.680  1.00 4.39  ? 7  DC  A OP1   1 
ATOM   122 O OP2   . DC  A 1 7  ? 0.276   -6.043  -0.740  1.00 12.38 ? 7  DC  A OP2   1 
ATOM   123 O "O5'" . DC  A 1 7  ? 0.990   -7.500  -2.660  1.00 4.09  ? 7  DC  A "O5'" 1 
ATOM   124 C "C5'" . DC  A 1 7  ? 1.160   -7.780  -4.053  1.00 7.57  ? 7  DC  A "C5'" 1 
ATOM   125 C "C4'" . DC  A 1 7  ? 1.742   -9.162  -4.274  1.00 4.82  ? 7  DC  A "C4'" 1 
ATOM   126 O "O4'" . DC  A 1 7  ? 3.114   -9.231  -3.830  1.00 1.00  ? 7  DC  A "O4'" 1 
ATOM   127 C "C3'" . DC  A 1 7  ? 1.031   -10.357 -3.634  1.00 9.27  ? 7  DC  A "C3'" 1 
ATOM   128 O "O3'" . DC  A 1 7  ? 1.034   -11.440 -4.572  1.00 10.68 ? 7  DC  A "O3'" 1 
ATOM   129 C "C2'" . DC  A 1 7  ? 1.935   -10.709 -2.465  1.00 3.87  ? 7  DC  A "C2'" 1 
ATOM   130 C "C1'" . DC  A 1 7  ? 3.306   -10.376 -3.022  1.00 1.00  ? 7  DC  A "C1'" 1 
ATOM   131 N N1    . DC  A 1 7  ? 4.314   -10.027 -2.013  1.00 1.00  ? 7  DC  A N1    1 
ATOM   132 C C2    . DC  A 1 7  ? 5.302   -10.961 -1.680  1.00 1.00  ? 7  DC  A C2    1 
ATOM   133 O O2    . DC  A 1 7  ? 5.289   -12.079 -2.229  1.00 1.00  ? 7  DC  A O2    1 
ATOM   134 N N3    . DC  A 1 7  ? 6.246   -10.619 -0.771  1.00 1.00  ? 7  DC  A N3    1 
ATOM   135 C C4    . DC  A 1 7  ? 6.219   -9.411  -0.203  1.00 1.00  ? 7  DC  A C4    1 
ATOM   136 N N4    . DC  A 1 7  ? 7.161   -9.113  0.690   1.00 1.00  ? 7  DC  A N4    1 
ATOM   137 C C5    . DC  A 1 7  ? 5.224   -8.453  -0.522  1.00 1.00  ? 7  DC  A C5    1 
ATOM   138 C C6    . DC  A 1 7  ? 4.298   -8.800  -1.418  1.00 1.00  ? 7  DC  A C6    1 
HETATM 139 N N1    . 5CM A 1 8  ? 0.210   -13.183 0.024   1.00 5.33  ? 8  5CM A N1    1 
HETATM 140 C C2    . 5CM A 1 8  ? 1.401   -13.070 0.715   1.00 4.21  ? 8  5CM A C2    1 
HETATM 141 N N3    . 5CM A 1 8  ? 1.758   -11.870 1.231   1.00 12.03 ? 8  5CM A N3    1 
HETATM 142 C C4    . 5CM A 1 8  ? 0.944   -10.821 1.098   1.00 9.31  ? 8  5CM A C4    1 
HETATM 143 C C5    . 5CM A 1 8  ? -0.306  -10.924 0.434   1.00 11.30 ? 8  5CM A C5    1 
HETATM 144 C C5A   . 5CM A 1 8  ? -1.194  -9.722  0.352   1.00 10.27 ? 8  5CM A C5A   1 
HETATM 145 C C6    . 5CM A 1 8  ? -0.629  -12.112 -0.088  1.00 5.55  ? 8  5CM A C6    1 
HETATM 146 O O2    . 5CM A 1 8  ? 2.100   -14.079 0.847   1.00 1.00  ? 8  5CM A O2    1 
HETATM 147 N N4    . 5CM A 1 8  ? 1.337   -9.653  1.605   1.00 8.44  ? 8  5CM A N4    1 
HETATM 148 C "C1'" . 5CM A 1 8  ? -0.105  -14.474 -0.595  1.00 7.68  ? 8  5CM A "C1'" 1 
HETATM 149 C "C2'" . 5CM A 1 8  ? -1.462  -14.562 -1.273  1.00 7.17  ? 8  5CM A "C2'" 1 
HETATM 150 C "C3'" . 5CM A 1 8  ? -1.205  -15.609 -2.341  1.00 12.22 ? 8  5CM A "C3'" 1 
HETATM 151 C "C4'" . 5CM A 1 8  ? 0.236   -15.337 -2.754  1.00 10.94 ? 8  5CM A "C4'" 1 
HETATM 152 O "O4'" . 5CM A 1 8  ? 0.855   -14.685 -1.620  1.00 13.65 ? 8  5CM A "O4'" 1 
HETATM 153 O "O3'" . 5CM A 1 8  ? -1.274  -16.913 -1.773  1.00 17.44 ? 8  5CM A "O3'" 1 
HETATM 154 C "C5'" . 5CM A 1 8  ? 0.380   -14.482 -3.989  1.00 17.37 ? 8  5CM A "C5'" 1 
HETATM 155 O "O5'" . 5CM A 1 8  ? -0.463  -13.338 -3.898  1.00 11.27 ? 8  5CM A "O5'" 1 
HETATM 156 P P     . 5CM A 1 8  ? -0.342  -12.163 -4.961  1.00 14.71 ? 8  5CM A P     1 
HETATM 157 O OP1   . 5CM A 1 8  ? -0.158  -12.781 -6.301  1.00 17.39 ? 8  5CM A OP1   1 
HETATM 158 O OP2   . 5CM A 1 8  ? -1.454  -11.207 -4.742  1.00 23.62 ? 8  5CM A OP2   1 
ATOM   159 P P     . DG  A 1 9  ? -2.456  -17.903 -2.203  1.00 11.57 ? 9  DG  A P     1 
ATOM   160 O OP1   . DG  A 1 9  ? -2.154  -18.424 -3.562  1.00 16.00 ? 9  DG  A OP1   1 
ATOM   161 O OP2   . DG  A 1 9  ? -3.740  -17.200 -1.947  1.00 9.79  ? 9  DG  A OP2   1 
ATOM   162 O "O5'" . DG  A 1 9  ? -2.283  -19.116 -1.191  1.00 11.04 ? 9  DG  A "O5'" 1 
ATOM   163 C "C5'" . DG  A 1 9  ? -1.040  -19.805 -1.107  1.00 6.69  ? 9  DG  A "C5'" 1 
ATOM   164 C "C4'" . DG  A 1 9  ? -0.607  -19.930 0.334   1.00 3.74  ? 9  DG  A "C4'" 1 
ATOM   165 O "O4'" . DG  A 1 9  ? -0.354  -18.621 0.897   1.00 6.25  ? 9  DG  A "O4'" 1 
ATOM   166 C "C3'" . DG  A 1 9  ? -1.634  -20.588 1.257   1.00 9.77  ? 9  DG  A "C3'" 1 
ATOM   167 O "O3'" . DG  A 1 9  ? -0.936  -21.324 2.259   1.00 3.19  ? 9  DG  A "O3'" 1 
ATOM   168 C "C2'" . DG  A 1 9  ? -2.287  -19.396 1.933   1.00 13.53 ? 9  DG  A "C2'" 1 
ATOM   169 C "C1'" . DG  A 1 9  ? -1.081  -18.496 2.108   1.00 10.67 ? 9  DG  A "C1'" 1 
ATOM   170 N N9    . DG  A 1 9  ? -1.358  -17.082 2.342   1.00 14.57 ? 9  DG  A N9    1 
ATOM   171 C C8    . DG  A 1 9  ? -2.504  -16.386 2.031   1.00 15.53 ? 9  DG  A C8    1 
ATOM   172 N N7    . DG  A 1 9  ? -2.451  -15.128 2.381   1.00 10.08 ? 9  DG  A N7    1 
ATOM   173 C C5    . DG  A 1 9  ? -1.192  -14.983 2.950   1.00 10.34 ? 9  DG  A C5    1 
ATOM   174 C C6    . DG  A 1 9  ? -0.560  -13.841 3.507   1.00 3.94  ? 9  DG  A C6    1 
ATOM   175 O O6    . DG  A 1 9  ? -0.995  -12.691 3.600   1.00 7.00  ? 9  DG  A O6    1 
ATOM   176 N N1    . DG  A 1 9  ? 0.710   -14.139 3.985   1.00 3.84  ? 9  DG  A N1    1 
ATOM   177 C C2    . DG  A 1 9  ? 1.304   -15.375 3.933   1.00 1.28  ? 9  DG  A C2    1 
ATOM   178 N N2    . DG  A 1 9  ? 2.534   -15.460 4.456   1.00 1.00  ? 9  DG  A N2    1 
ATOM   179 N N3    . DG  A 1 9  ? 0.732   -16.448 3.408   1.00 11.62 ? 9  DG  A N3    1 
ATOM   180 C C4    . DG  A 1 9  ? -0.508  -16.181 2.938   1.00 12.34 ? 9  DG  A C4    1 
ATOM   181 P P     . DG  A 1 10 ? -0.837  -22.918 2.160   1.00 7.89  ? 10 DG  A P     1 
ATOM   182 O OP1   . DG  A 1 10 ? 0.052   -23.243 1.017   1.00 13.85 ? 10 DG  A OP1   1 
ATOM   183 O OP2   . DG  A 1 10 ? -2.214  -23.475 2.197   1.00 9.56  ? 10 DG  A OP2   1 
ATOM   184 O "O5'" . DG  A 1 10 ? -0.054  -23.299 3.496   1.00 11.07 ? 10 DG  A "O5'" 1 
ATOM   185 C "C5'" . DG  A 1 10 ? 1.342   -23.004 3.628   1.00 6.45  ? 10 DG  A "C5'" 1 
ATOM   186 C "C4'" . DG  A 1 10 ? 1.660   -22.527 5.028   1.00 11.65 ? 10 DG  A "C4'" 1 
ATOM   187 O "O4'" . DG  A 1 10 ? 1.147   -21.188 5.244   1.00 6.06  ? 10 DG  A "O4'" 1 
ATOM   188 C "C3'" . DG  A 1 10 ? 1.083   -23.387 6.153   1.00 6.39  ? 10 DG  A "C3'" 1 
ATOM   189 O "O3'" . DG  A 1 10 ? 1.910   -23.299 7.301   1.00 13.44 ? 10 DG  A "O3'" 1 
ATOM   190 C "C2'" . DG  A 1 10 ? -0.164  -22.625 6.555   1.00 10.38 ? 10 DG  A "C2'" 1 
ATOM   191 C "C1'" . DG  A 1 10 ? 0.282   -21.180 6.376   1.00 12.59 ? 10 DG  A "C1'" 1 
ATOM   192 N N9    . DG  A 1 10 ? -0.813  -20.257 6.100   1.00 8.65  ? 10 DG  A N9    1 
ATOM   193 C C8    . DG  A 1 10 ? -2.042  -20.580 5.576   1.00 10.28 ? 10 DG  A C8    1 
ATOM   194 N N7    . DG  A 1 10 ? -2.828  -19.551 5.440   1.00 11.38 ? 10 DG  A N7    1 
ATOM   195 C C5    . DG  A 1 10 ? -2.075  -18.478 5.898   1.00 7.57  ? 10 DG  A C5    1 
ATOM   196 C C6    . DG  A 1 10 ? -2.401  -17.103 5.977   1.00 6.88  ? 10 DG  A C6    1 
ATOM   197 O O6    . DG  A 1 10 ? -3.451  -16.541 5.641   1.00 1.00  ? 10 DG  A O6    1 
ATOM   198 N N1    . DG  A 1 10 ? -1.351  -16.360 6.508   1.00 7.88  ? 10 DG  A N1    1 
ATOM   199 C C2    . DG  A 1 10 ? -0.143  -16.874 6.904   1.00 4.18  ? 10 DG  A C2    1 
ATOM   200 N N2    . DG  A 1 10 ? 0.734   -15.994 7.403   1.00 1.00  ? 10 DG  A N2    1 
ATOM   201 N N3    . DG  A 1 10 ? 0.178   -18.155 6.821   1.00 5.34  ? 10 DG  A N3    1 
ATOM   202 C C4    . DG  A 1 10 ? -0.830  -18.896 6.313   1.00 5.98  ? 10 DG  A C4    1 
ATOM   203 O "O5'" . DC  B 1 1  ? 5.531   -2.955  -16.257 1.00 10.37 ? 1  DC  B "O5'" 1 
ATOM   204 C "C5'" . DC  B 1 1  ? 6.384   -2.795  -17.397 1.00 9.19  ? 1  DC  B "C5'" 1 
ATOM   205 C "C4'" . DC  B 1 1  ? 5.764   -1.959  -18.495 1.00 6.22  ? 1  DC  B "C4'" 1 
ATOM   206 O "O4'" . DC  B 1 1  ? 4.502   -2.543  -18.901 1.00 3.04  ? 1  DC  B "O4'" 1 
ATOM   207 C "C3'" . DC  B 1 1  ? 5.448   -0.516  -18.107 1.00 10.72 ? 1  DC  B "C3'" 1 
ATOM   208 O "O3'" . DC  B 1 1  ? 5.657   0.332   -19.241 1.00 1.00  ? 1  DC  B "O3'" 1 
ATOM   209 C "C2'" . DC  B 1 1  ? 3.970   -0.578  -17.768 1.00 9.64  ? 1  DC  B "C2'" 1 
ATOM   210 C "C1'" . DC  B 1 1  ? 3.474   -1.583  -18.789 1.00 1.93  ? 1  DC  B "C1'" 1 
ATOM   211 N N1    . DC  B 1 1  ? 2.234   -2.291  -18.435 1.00 4.53  ? 1  DC  B N1    1 
ATOM   212 C C2    . DC  B 1 1  ? 1.025   -1.599  -18.503 1.00 1.00  ? 1  DC  B C2    1 
ATOM   213 O O2    . DC  B 1 1  ? 1.035   -0.403  -18.824 1.00 1.00  ? 1  DC  B O2    1 
ATOM   214 N N3    . DC  B 1 1  ? -0.121  -2.243  -18.209 1.00 1.00  ? 1  DC  B N3    1 
ATOM   215 C C4    . DC  B 1 1  ? -0.093  -3.522  -17.838 1.00 1.56  ? 1  DC  B C4    1 
ATOM   216 N N4    . DC  B 1 1  ? -1.260  -4.115  -17.558 1.00 1.00  ? 1  DC  B N4    1 
ATOM   217 C C5    . DC  B 1 1  ? 1.128   -4.251  -17.742 1.00 2.12  ? 1  DC  B C5    1 
ATOM   218 C C6    . DC  B 1 1  ? 2.258   -3.603  -18.053 1.00 4.64  ? 1  DC  B C6    1 
ATOM   219 P P     . DC  B 1 2  ? 6.543   1.664   -19.097 1.00 6.88  ? 2  DC  B P     1 
ATOM   220 O OP1   . DC  B 1 2  ? 6.149   2.535   -20.238 1.00 9.72  ? 2  DC  B OP1   1 
ATOM   221 O OP2   . DC  B 1 2  ? 7.972   1.283   -18.929 1.00 1.00  ? 2  DC  B OP2   1 
ATOM   222 O "O5'" . DC  B 1 2  ? 6.005   2.350   -17.756 1.00 9.76  ? 2  DC  B "O5'" 1 
ATOM   223 C "C5'" . DC  B 1 2  ? 5.067   3.429   -17.821 1.00 3.43  ? 2  DC  B "C5'" 1 
ATOM   224 C "C4'" . DC  B 1 2  ? 4.500   3.746   -16.453 1.00 11.87 ? 2  DC  B "C4'" 1 
ATOM   225 O "O4'" . DC  B 1 2  ? 3.550   2.744   -16.022 1.00 6.66  ? 2  DC  B "O4'" 1 
ATOM   226 C "C3'" . DC  B 1 2  ? 5.507   3.896   -15.308 1.00 9.00  ? 2  DC  B "C3'" 1 
ATOM   227 O "O3'" . DC  B 1 2  ? 5.087   4.962   -14.459 1.00 8.83  ? 2  DC  B "O3'" 1 
ATOM   228 C "C2'" . DC  B 1 2  ? 5.338   2.604   -14.533 1.00 5.89  ? 2  DC  B "C2'" 1 
ATOM   229 C "C1'" . DC  B 1 2  ? 3.843   2.390   -14.678 1.00 5.55  ? 2  DC  B "C1'" 1 
ATOM   230 N N1    . DC  B 1 2  ? 3.372   1.019   -14.458 1.00 1.00  ? 2  DC  B N1    1 
ATOM   231 C C2    . DC  B 1 2  ? 2.000   0.789   -14.424 1.00 2.60  ? 2  DC  B C2    1 
ATOM   232 O O2    . DC  B 1 2  ? 1.229   1.761   -14.539 1.00 1.00  ? 2  DC  B O2    1 
ATOM   233 N N3    . DC  B 1 2  ? 1.546   -0.478  -14.254 1.00 1.00  ? 2  DC  B N3    1 
ATOM   234 C C4    . DC  B 1 2  ? 2.415   -1.481  -14.108 1.00 1.00  ? 2  DC  B C4    1 
ATOM   235 N N4    . DC  B 1 2  ? 1.934   -2.710  -13.952 1.00 1.00  ? 2  DC  B N4    1 
ATOM   236 C C5    . DC  B 1 2  ? 3.819   -1.266  -14.116 1.00 1.18  ? 2  DC  B C5    1 
ATOM   237 C C6    . DC  B 1 2  ? 4.252   -0.014  -14.295 1.00 1.00  ? 2  DC  B C6    1 
ATOM   238 P P     . DI  B 1 3  ? 5.823   6.381   -14.542 1.00 5.13  ? 3  DI  B P     1 
ATOM   239 O OP1   . DI  B 1 3  ? 5.892   6.756   -15.980 1.00 5.51  ? 3  DI  B OP1   1 
ATOM   240 O OP2   . DI  B 1 3  ? 7.065   6.300   -13.744 1.00 7.38  ? 3  DI  B OP2   1 
ATOM   241 O "O5'" . DI  B 1 3  ? 4.809   7.374   -13.820 1.00 14.08 ? 3  DI  B "O5'" 1 
ATOM   242 C "C5'" . DI  B 1 3  ? 3.581   7.750   -14.444 1.00 5.98  ? 3  DI  B "C5'" 1 
ATOM   243 C "C4'" . DI  B 1 3  ? 2.454   7.697   -13.438 1.00 10.00 ? 3  DI  B "C4'" 1 
ATOM   244 O "O4'" . DI  B 1 3  ? 2.147   6.317   -13.135 1.00 9.70  ? 3  DI  B "O4'" 1 
ATOM   245 C "C3'" . DI  B 1 3  ? 2.777   8.364   -12.099 1.00 8.14  ? 3  DI  B "C3'" 1 
ATOM   246 O "O3'" . DI  B 1 3  ? 1.593   8.928   -11.538 1.00 13.16 ? 3  DI  B "O3'" 1 
ATOM   247 C "C2'" . DI  B 1 3  ? 3.200   7.192   -11.238 1.00 8.79  ? 3  DI  B "C2'" 1 
ATOM   248 C "C1'" . DI  B 1 3  ? 2.266   6.106   -11.735 1.00 4.59  ? 3  DI  B "C1'" 1 
ATOM   249 N N9    . DI  B 1 3  ? 2.753   4.745   -11.532 1.00 2.30  ? 3  DI  B N9    1 
ATOM   250 C C8    . DI  B 1 3  ? 4.048   4.321   -11.388 1.00 1.00  ? 3  DI  B C8    1 
ATOM   251 N N7    . DI  B 1 3  ? 4.167   3.026   -11.249 1.00 1.00  ? 3  DI  B N7    1 
ATOM   252 C C5    . DI  B 1 3  ? 2.861   2.564   -11.302 1.00 2.69  ? 3  DI  B C5    1 
ATOM   253 C C6    . DI  B 1 3  ? 2.319   1.270   -11.224 1.00 2.61  ? 3  DI  B C6    1 
ATOM   254 O O6    . DI  B 1 3  ? 2.963   0.230   -11.089 1.00 2.09  ? 3  DI  B O6    1 
ATOM   255 N N1    . DI  B 1 3  ? 0.975   1.171   -11.308 1.00 6.05  ? 3  DI  B N1    1 
ATOM   256 C C2    . DI  B 1 3  ? 0.246   2.281   -11.456 1.00 1.17  ? 3  DI  B C2    1 
ATOM   257 N N3    . DI  B 1 3  ? 0.641   3.538   -11.543 1.00 1.00  ? 3  DI  B N3    1 
ATOM   258 C C4    . DI  B 1 3  ? 1.978   3.613   -11.462 1.00 3.27  ? 3  DI  B C4    1 
ATOM   259 P P     . DG  B 1 4  ? 1.420   10.527  -11.449 1.00 21.11 ? 4  DG  B P     1 
ATOM   260 O OP1   . DG  B 1 4  ? 1.557   11.079  -12.817 1.00 18.28 ? 4  DG  B OP1   1 
ATOM   261 O OP2   . DG  B 1 4  ? 2.264   11.069  -10.358 1.00 16.08 ? 4  DG  B OP2   1 
ATOM   262 O "O5'" . DG  B 1 4  ? -0.107  10.675  -11.023 1.00 14.09 ? 4  DG  B "O5'" 1 
ATOM   263 C "C5'" . DG  B 1 4  ? -1.144  10.374  -11.950 1.00 10.40 ? 4  DG  B "C5'" 1 
ATOM   264 C "C4'" . DG  B 1 4  ? -2.232  9.569   -11.278 1.00 7.96  ? 4  DG  B "C4'" 1 
ATOM   265 O "O4'" . DG  B 1 4  ? -1.737  8.249   -10.956 1.00 4.13  ? 4  DG  B "O4'" 1 
ATOM   266 C "C3'" . DG  B 1 4  ? -2.791  10.143  -9.977  1.00 6.59  ? 4  DG  B "C3'" 1 
ATOM   267 O "O3'" . DG  B 1 4  ? -4.210  9.949   -9.962  1.00 10.61 ? 4  DG  B "O3'" 1 
ATOM   268 C "C2'" . DG  B 1 4  ? -2.093  9.328   -8.899  1.00 6.83  ? 4  DG  B "C2'" 1 
ATOM   269 C "C1'" . DG  B 1 4  ? -1.884  7.977   -9.572  1.00 10.41 ? 4  DG  B "C1'" 1 
ATOM   270 N N9    . DG  B 1 4  ? -0.688  7.249   -9.152  1.00 10.23 ? 4  DG  B N9    1 
ATOM   271 C C8    . DG  B 1 4  ? 0.584   7.754   -9.028  1.00 5.37  ? 4  DG  B C8    1 
ATOM   272 N N7    . DG  B 1 4  ? 1.462   6.851   -8.689  1.00 8.79  ? 4  DG  B N7    1 
ATOM   273 C C5    . DG  B 1 4  ? 0.725   5.682   -8.566  1.00 6.67  ? 4  DG  B C5    1 
ATOM   274 C C6    . DG  B 1 4  ? 1.139   4.366   -8.229  1.00 6.22  ? 4  DG  B C6    1 
ATOM   275 O O6    . DG  B 1 4  ? 2.283   3.952   -7.979  1.00 1.08  ? 4  DG  B O6    1 
ATOM   276 N N1    . DG  B 1 4  ? 0.063   3.483   -8.213  1.00 1.00  ? 4  DG  B N1    1 
ATOM   277 C C2    . DG  B 1 4  ? -1.231  3.814   -8.501  1.00 1.00  ? 4  DG  B C2    1 
ATOM   278 N N2    . DG  B 1 4  ? -2.118  2.819   -8.452  1.00 1.00  ? 4  DG  B N2    1 
ATOM   279 N N3    . DG  B 1 4  ? -1.629  5.034   -8.821  1.00 5.38  ? 4  DG  B N3    1 
ATOM   280 C C4    . DG  B 1 4  ? -0.605  5.912   -8.835  1.00 5.08  ? 4  DG  B C4    1 
ATOM   281 P P     . DT  B 1 5  ? -5.070  10.385  -8.677  1.00 1.00  ? 5  DT  B P     1 
ATOM   282 O OP1   . DT  B 1 5  ? -6.473  10.500  -9.123  1.00 2.34  ? 5  DT  B OP1   1 
ATOM   283 O OP2   . DT  B 1 5  ? -4.417  11.533  -8.013  1.00 6.74  ? 5  DT  B OP2   1 
ATOM   284 O "O5'" . DT  B 1 5  ? -4.944  9.116   -7.724  1.00 1.00  ? 5  DT  B "O5'" 1 
ATOM   285 C "C5'" . DT  B 1 5  ? -5.363  7.828   -8.174  1.00 9.17  ? 5  DT  B "C5'" 1 
ATOM   286 C "C4'" . DT  B 1 5  ? -5.338  6.838   -7.033  1.00 12.50 ? 5  DT  B "C4'" 1 
ATOM   287 O "O4'" . DT  B 1 5  ? -4.027  6.248   -6.868  1.00 7.44  ? 5  DT  B "O4'" 1 
ATOM   288 C "C3'" . DT  B 1 5  ? -5.711  7.430   -5.673  1.00 10.79 ? 5  DT  B "C3'" 1 
ATOM   289 O "O3'" . DT  B 1 5  ? -6.548  6.519   -4.973  1.00 10.35 ? 5  DT  B "O3'" 1 
ATOM   290 C "C2'" . DT  B 1 5  ? -4.375  7.540   -4.962  1.00 11.07 ? 5  DT  B "C2'" 1 
ATOM   291 C "C1'" . DT  B 1 5  ? -3.663  6.316   -5.502  1.00 14.01 ? 5  DT  B "C1'" 1 
ATOM   292 N N1    . DT  B 1 5  ? -2.186  6.318   -5.407  1.00 10.11 ? 5  DT  B N1    1 
ATOM   293 C C2    . DT  B 1 5  ? -1.558  5.095   -5.338  1.00 11.21 ? 5  DT  B C2    1 
ATOM   294 O O2    . DT  B 1 5  ? -2.159  4.031   -5.364  1.00 1.00  ? 5  DT  B O2    1 
ATOM   295 N N3    . DT  B 1 5  ? -0.190  5.159   -5.231  1.00 15.65 ? 5  DT  B N3    1 
ATOM   296 C C4    . DT  B 1 5  ? 0.592   6.296   -5.179  1.00 16.37 ? 5  DT  B C4    1 
ATOM   297 O O4    . DT  B 1 5  ? 1.816   6.192   -5.071  1.00 13.47 ? 5  DT  B O4    1 
ATOM   298 C C5    . DT  B 1 5  ? -0.133  7.546   -5.259  1.00 12.45 ? 5  DT  B C5    1 
ATOM   299 C C7    . DT  B 1 5  ? 0.631   8.832   -5.208  1.00 6.99  ? 5  DT  B C7    1 
ATOM   300 C C6    . DT  B 1 5  ? -1.466  7.495   -5.374  1.00 10.70 ? 5  DT  B C6    1 
ATOM   301 P P     . DA  B 1 6  ? -7.785  7.076   -4.116  1.00 15.17 ? 6  DA  B P     1 
ATOM   302 O OP1   . DA  B 1 6  ? -8.828  7.560   -5.055  1.00 17.98 ? 6  DA  B OP1   1 
ATOM   303 O OP2   . DA  B 1 6  ? -7.237  7.997   -3.093  1.00 21.18 ? 6  DA  B OP2   1 
ATOM   304 O "O5'" . DA  B 1 6  ? -8.345  5.777   -3.395  1.00 14.89 ? 6  DA  B "O5'" 1 
ATOM   305 C "C5'" . DA  B 1 6  ? -8.688  4.623   -4.154  1.00 14.27 ? 6  DA  B "C5'" 1 
ATOM   306 C "C4'" . DA  B 1 6  ? -8.196  3.377   -3.456  1.00 16.18 ? 6  DA  B "C4'" 1 
ATOM   307 O "O4'" . DA  B 1 6  ? -6.750  3.394   -3.402  1.00 17.80 ? 6  DA  B "O4'" 1 
ATOM   308 C "C3'" . DA  B 1 6  ? -8.666  3.208   -2.013  1.00 10.81 ? 6  DA  B "C3'" 1 
ATOM   309 O "O3'" . DA  B 1 6  ? -8.910  1.821   -1.781  1.00 17.95 ? 6  DA  B "O3'" 1 
ATOM   310 C "C2'" . DA  B 1 6  ? -7.486  3.708   -1.198  1.00 16.16 ? 6  DA  B "C2'" 1 
ATOM   311 C "C1'" . DA  B 1 6  ? -6.304  3.300   -2.056  1.00 14.52 ? 6  DA  B "C1'" 1 
ATOM   312 N N9    . DA  B 1 6  ? -5.118  4.144   -1.934  1.00 16.11 ? 6  DA  B N9    1 
ATOM   313 C C8    . DA  B 1 6  ? -5.041  5.516   -1.955  1.00 16.64 ? 6  DA  B C8    1 
ATOM   314 N N7    . DA  B 1 6  ? -3.814  5.978   -1.902  1.00 16.17 ? 6  DA  B N7    1 
ATOM   315 C C5    . DA  B 1 6  ? -3.031  4.834   -1.823  1.00 15.02 ? 6  DA  B C5    1 
ATOM   316 C C6    . DA  B 1 6  ? -1.640  4.641   -1.752  1.00 14.23 ? 6  DA  B C6    1 
ATOM   317 N N6    . DA  B 1 6  ? -0.754  5.634   -1.756  1.00 11.46 ? 6  DA  B N6    1 
ATOM   318 N N1    . DA  B 1 6  ? -1.184  3.371   -1.681  1.00 17.30 ? 6  DA  B N1    1 
ATOM   319 C C2    . DA  B 1 6  ? -2.073  2.371   -1.678  1.00 16.78 ? 6  DA  B C2    1 
ATOM   320 N N3    . DA  B 1 6  ? -3.403  2.425   -1.743  1.00 16.49 ? 6  DA  B N3    1 
ATOM   321 C C4    . DA  B 1 6  ? -3.823  3.699   -1.819  1.00 15.05 ? 6  DA  B C4    1 
ATOM   322 P P     . DC  B 1 7  ? -9.200  1.294   -0.294  1.00 15.29 ? 7  DC  B P     1 
ATOM   323 O OP1   . DC  B 1 7  ? -9.707  -0.097  -0.425  1.00 16.70 ? 7  DC  B OP1   1 
ATOM   324 O OP2   . DC  B 1 7  ? -9.998  2.308   0.448   1.00 10.61 ? 7  DC  B OP2   1 
ATOM   325 O "O5'" . DC  B 1 7  ? -7.757  1.203   0.366   1.00 18.58 ? 7  DC  B "O5'" 1 
ATOM   326 C "C5'" . DC  B 1 7  ? -6.902  0.104   0.083   1.00 15.98 ? 7  DC  B "C5'" 1 
ATOM   327 C "C4'" . DC  B 1 7  ? -5.831  -0.008  1.141   1.00 18.67 ? 7  DC  B "C4'" 1 
ATOM   328 O "O4'" . DC  B 1 7  ? -4.913  1.107   1.046   1.00 16.60 ? 7  DC  B "O4'" 1 
ATOM   329 C "C3'" . DC  B 1 7  ? -6.347  -0.003  2.581   1.00 19.47 ? 7  DC  B "C3'" 1 
ATOM   330 O "O3'" . DC  B 1 7  ? -5.528  -0.871  3.361   1.00 19.55 ? 7  DC  B "O3'" 1 
ATOM   331 C "C2'" . DC  B 1 7  ? -6.090  1.425   3.026   1.00 19.86 ? 7  DC  B "C2'" 1 
ATOM   332 C "C1'" . DC  B 1 7  ? -4.778  1.706   2.322   1.00 13.57 ? 7  DC  B "C1'" 1 
ATOM   333 N N1    . DC  B 1 7  ? -4.437  3.126   2.126   1.00 14.20 ? 7  DC  B N1    1 
ATOM   334 C C2    . DC  B 1 7  ? -3.155  3.447   1.660   1.00 7.88  ? 7  DC  B C2    1 
ATOM   335 O O2    . DC  B 1 7  ? -2.361  2.538   1.422   1.00 1.00  ? 7  DC  B O2    1 
ATOM   336 N N3    . DC  B 1 7  ? -2.819  4.741   1.486   1.00 14.02 ? 7  DC  B N3    1 
ATOM   337 C C4    . DC  B 1 7  ? -3.702  5.700   1.765   1.00 13.69 ? 7  DC  B C4    1 
ATOM   338 N N4    . DC  B 1 7  ? -3.314  6.960   1.613   1.00 11.33 ? 7  DC  B N4    1 
ATOM   339 C C5    . DC  B 1 7  ? -5.017  5.404   2.226   1.00 18.15 ? 7  DC  B C5    1 
ATOM   340 C C6    . DC  B 1 7  ? -5.340  4.115   2.394   1.00 12.93 ? 7  DC  B C6    1 
HETATM 341 N N1    . 5CM B 1 8  ? -3.531  1.060   6.157   1.00 18.14 ? 8  5CM B N1    1 
HETATM 342 C C2    . 5CM B 1 8  ? -2.854  2.211   5.746   1.00 16.35 ? 8  5CM B C2    1 
HETATM 343 N N3    . 5CM B 1 8  ? -3.529  3.382   5.659   1.00 14.44 ? 8  5CM B N3    1 
HETATM 344 C C4    . 5CM B 1 8  ? -4.831  3.423   5.955   1.00 15.96 ? 8  5CM B C4    1 
HETATM 345 C C5    . 5CM B 1 8  ? -5.547  2.263   6.362   1.00 17.24 ? 8  5CM B C5    1 
HETATM 346 C C5A   . 5CM B 1 8  ? -7.009  2.375   6.662   1.00 18.22 ? 8  5CM B C5A   1 
HETATM 347 C C6    . 5CM B 1 8  ? -4.865  1.113   6.453   1.00 19.66 ? 8  5CM B C6    1 
HETATM 348 O O2    . 5CM B 1 8  ? -1.650  2.127   5.467   1.00 15.70 ? 8  5CM B O2    1 
HETATM 349 N N4    . 5CM B 1 8  ? -5.460  4.596   5.866   1.00 15.28 ? 8  5CM B N4    1 
HETATM 350 C "C1'" . 5CM B 1 8  ? -2.778  -0.198  6.265   1.00 19.74 ? 8  5CM B "C1'" 1 
HETATM 351 C "C2'" . 5CM B 1 8  ? -3.416  -1.277  7.122   1.00 16.42 ? 8  5CM B "C2'" 1 
HETATM 352 C "C3'" . 5CM B 1 8  ? -2.751  -2.525  6.568   1.00 21.60 ? 8  5CM B "C3'" 1 
HETATM 353 C "C4'" . 5CM B 1 8  ? -2.605  -2.208  5.080   1.00 22.35 ? 8  5CM B "C4'" 1 
HETATM 354 O "O4'" . 5CM B 1 8  ? -2.673  -0.764  4.967   1.00 20.62 ? 8  5CM B "O4'" 1 
HETATM 355 O "O3'" . 5CM B 1 8  ? -1.455  -2.671  7.140   1.00 24.54 ? 8  5CM B "O3'" 1 
HETATM 356 C "C5'" . 5CM B 1 8  ? -3.643  -2.874  4.209   1.00 19.11 ? 8  5CM B "C5'" 1 
HETATM 357 O "O5'" . 5CM B 1 8  ? -4.924  -2.791  4.826   1.00 14.62 ? 8  5CM B "O5'" 1 
HETATM 358 P P     . 5CM B 1 8  ? -6.158  -2.181  4.036   1.00 16.56 ? 8  5CM B P     1 
HETATM 359 O OP1   . 5CM B 1 8  ? -6.516  -3.136  2.962   1.00 25.98 ? 8  5CM B OP1   1 
HETATM 360 O OP2   . 5CM B 1 8  ? -7.190  -1.757  5.015   1.00 25.98 ? 8  5CM B OP2   1 
ATOM   361 P P     . DG  B 1 9  ? -0.962  -4.117  7.628   1.00 30.78 ? 9  DG  B P     1 
ATOM   362 O OP1   . DG  B 1 9  ? -0.684  -4.942  6.427   1.00 21.70 ? 9  DG  B OP1   1 
ATOM   363 O OP2   . DG  B 1 9  ? -1.922  -4.602  8.652   1.00 26.02 ? 9  DG  B OP2   1 
ATOM   364 O "O5'" . DG  B 1 9  ? 0.424   -3.807  8.344   1.00 23.88 ? 9  DG  B "O5'" 1 
ATOM   365 C "C5'" . DG  B 1 9  ? 1.398   -2.960  7.735   1.00 20.50 ? 9  DG  B "C5'" 1 
ATOM   366 C "C4'" . DG  B 1 9  ? 1.909   -1.957  8.742   1.00 18.27 ? 9  DG  B "C4'" 1 
ATOM   367 O "O4'" . DG  B 1 9  ? 1.141   -0.728  8.721   1.00 16.87 ? 9  DG  B "O4'" 1 
ATOM   368 C "C3'" . DG  B 1 9  ? 1.865   -2.458  10.185  1.00 13.09 ? 9  DG  B "C3'" 1 
ATOM   369 O "O3'" . DG  B 1 9  ? 3.005   -1.968  10.882  1.00 14.66 ? 9  DG  B "O3'" 1 
ATOM   370 C "C2'" . DG  B 1 9  ? 0.619   -1.786  10.736  1.00 14.79 ? 9  DG  B "C2'" 1 
ATOM   371 C "C1'" . DG  B 1 9  ? 0.683   -0.441  10.032  1.00 13.45 ? 9  DG  B "C1'" 1 
ATOM   372 N N9    . DG  B 1 9  ? -0.584  0.275   9.919   1.00 15.85 ? 9  DG  B N9    1 
ATOM   373 C C8    . DG  B 1 9  ? -1.849  -0.215  10.147  1.00 14.12 ? 9  DG  B C8    1 
ATOM   374 N N7    . DG  B 1 9  ? -2.787  0.673   9.948   1.00 6.29  ? 9  DG  B N7    1 
ATOM   375 C C5    . DG  B 1 9  ? -2.103  1.816   9.567   1.00 13.02 ? 9  DG  B C5    1 
ATOM   376 C C6    . DG  B 1 9  ? -2.585  3.097   9.210   1.00 9.39  ? 9  DG  B C6    1 
ATOM   377 O O6    . DG  B 1 9  ? -3.756  3.488   9.139   1.00 9.24  ? 9  DG  B O6    1 
ATOM   378 N N1    . DG  B 1 9  ? -1.543  3.965   8.903   1.00 12.11 ? 9  DG  B N1    1 
ATOM   379 C C2    . DG  B 1 9  ? -0.210  3.637   8.920   1.00 10.77 ? 9  DG  B C2    1 
ATOM   380 N N2    . DG  B 1 9  ? 0.647   4.611   8.586   1.00 15.62 ? 9  DG  B N2    1 
ATOM   381 N N3    . DG  B 1 9  ? 0.250   2.445   9.239   1.00 13.81 ? 9  DG  B N3    1 
ATOM   382 C C4    . DG  B 1 9  ? -0.741  1.588   9.552   1.00 12.54 ? 9  DG  B C4    1 
ATOM   383 P P     . DG  B 1 10 ? 4.092   -2.996  11.445  1.00 14.63 ? 10 DG  B P     1 
ATOM   384 O OP1   . DG  B 1 10 ? 4.732   -3.631  10.268  1.00 22.72 ? 10 DG  B OP1   1 
ATOM   385 O OP2   . DG  B 1 10 ? 3.445   -3.846  12.473  1.00 5.36  ? 10 DG  B OP2   1 
ATOM   386 O "O5'" . DG  B 1 10 ? 5.169   -2.031  12.114  1.00 8.09  ? 10 DG  B "O5'" 1 
ATOM   387 C "C5'" . DG  B 1 10 ? 5.998   -1.215  11.291  1.00 13.74 ? 10 DG  B "C5'" 1 
ATOM   388 C "C4'" . DG  B 1 10 ? 5.968   0.224   11.753  1.00 11.44 ? 10 DG  B "C4'" 1 
ATOM   389 O "O4'" . DG  B 1 10 ? 4.616   0.743   11.672  1.00 15.58 ? 10 DG  B "O4'" 1 
ATOM   390 C "C3'" . DG  B 1 10 ? 6.428   0.465   13.192  1.00 8.88  ? 10 DG  B "C3'" 1 
ATOM   391 O "O3'" . DG  B 1 10 ? 7.082   1.725   13.247  1.00 7.04  ? 10 DG  B "O3'" 1 
ATOM   392 C "C2'" . DG  B 1 10 ? 5.124   0.632   13.949  1.00 9.17  ? 10 DG  B "C2'" 1 
ATOM   393 C "C1'" . DG  B 1 10 ? 4.270   1.337   12.915  1.00 12.33 ? 10 DG  B "C1'" 1 
ATOM   394 N N9    . DG  B 1 10 ? 2.832   1.191   13.111  1.00 9.44  ? 10 DG  B N9    1 
ATOM   395 C C8    . DG  B 1 10 ? 2.166   0.090   13.593  1.00 9.60  ? 10 DG  B C8    1 
ATOM   396 N N7    . DG  B 1 10 ? 0.875   0.265   13.674  1.00 3.99  ? 10 DG  B N7    1 
ATOM   397 C C5    . DG  B 1 10 ? 0.673   1.556   13.211  1.00 5.41  ? 10 DG  B C5    1 
ATOM   398 C C6    . DG  B 1 10 ? -0.526  2.301   13.066  1.00 2.10  ? 10 DG  B C6    1 
ATOM   399 O O6    . DG  B 1 10 ? -1.686  1.951   13.312  1.00 1.00  ? 10 DG  B O6    1 
ATOM   400 N N1    . DG  B 1 10 ? -0.277  3.575   12.573  1.00 1.00  ? 10 DG  B N1    1 
ATOM   401 C C2    . DG  B 1 10 ? 0.962   4.070   12.248  1.00 6.16  ? 10 DG  B C2    1 
ATOM   402 N N2    . DG  B 1 10 ? 0.985   5.327   11.789  1.00 1.41  ? 10 DG  B N2    1 
ATOM   403 N N3    . DG  B 1 10 ? 2.090   3.384   12.368  1.00 5.57  ? 10 DG  B N3    1 
ATOM   404 C C4    . DG  B 1 10 ? 1.871   2.143   12.856  1.00 10.41 ? 10 DG  B C4    1 
HETATM 405 O O     . HOH C 2 .  ? 3.188   7.554   9.743   1.00 2.71  ? 21 HOH A O     1 
HETATM 406 O O     . HOH C 2 .  ? 5.201   -16.267 7.478   1.00 4.02  ? 22 HOH A O     1 
HETATM 407 O O     . HOH C 2 .  ? -3.746  -6.351  1.248   1.00 10.70 ? 23 HOH A O     1 
HETATM 408 O O     . HOH C 2 .  ? 3.829   -21.435 7.997   1.00 1.00  ? 24 HOH A O     1 
HETATM 409 O O     . HOH C 2 .  ? -3.231  10.853  2.739   1.00 11.07 ? 25 HOH A O     1 
HETATM 410 O O     . HOH C 2 .  ? 5.809   -23.210 9.929   1.00 1.00  ? 28 HOH A O     1 
HETATM 411 O O     . HOH C 2 .  ? -4.486  12.436  1.117   1.00 6.80  ? 29 HOH A O     1 
HETATM 412 O O     . HOH C 2 .  ? 5.691   13.984  4.107   1.00 8.05  ? 33 HOH A O     1 
HETATM 413 O O     . HOH C 2 .  ? -5.143  -17.348 -4.351  1.00 6.80  ? 34 HOH A O     1 
HETATM 414 O O     . HOH C 2 .  ? -0.457  14.845  15.212  1.00 7.49  ? 35 HOH A O     1 
HETATM 415 O O     . HOH C 2 .  ? 13.655  0.633   2.082   1.00 4.83  ? 36 HOH A O     1 
HETATM 416 O O     . HOH C 2 .  ? 4.142   -6.011  2.537   1.00 18.48 ? 37 HOH A O     1 
HETATM 417 O O     . HOH C 2 .  ? 4.905   7.606   6.964   1.00 1.00  ? 38 HOH A O     1 
HETATM 418 O O     . HOH C 2 .  ? 7.776   4.952   8.334   1.00 2.34  ? 39 HOH A O     1 
HETATM 419 O O     . HOH C 2 .  ? -4.324  14.727  2.836   1.00 1.00  ? 41 HOH A O     1 
HETATM 420 O O     . HOH C 2 .  ? 7.391   -5.734  1.347   1.00 4.89  ? 43 HOH A O     1 
HETATM 421 O O     . HOH C 2 .  ? 5.230   -16.644 4.611   1.00 21.91 ? 44 HOH A O     1 
HETATM 422 O O     . HOH C 2 .  ? -5.542  -10.784 0.096   1.00 2.27  ? 45 HOH A O     1 
HETATM 423 O O     . HOH C 2 .  ? -3.835  17.996  9.499   1.00 7.80  ? 47 HOH A O     1 
HETATM 424 O O     . HOH C 2 .  ? 3.962   -20.587 1.920   1.00 24.61 ? 50 HOH A O     1 
HETATM 425 O O     . HOH C 2 .  ? -4.325  20.601  6.423   1.00 1.15  ? 54 HOH A O     1 
HETATM 426 O O     . HOH C 2 .  ? 3.040   -11.128 -6.245  1.00 23.82 ? 55 HOH A O     1 
HETATM 427 O O     . HOH C 2 .  ? 16.455  -1.438  0.016   1.00 4.30  ? 56 HOH A O     1 
HETATM 428 O O     . HOH C 2 .  ? 8.418   -5.501  -0.945  1.00 13.23 ? 58 HOH A O     1 
HETATM 429 O O     . HOH C 2 .  ? -0.882  -4.994  1.767   1.00 15.10 ? 59 HOH A O     1 
HETATM 430 O O     . HOH C 2 .  ? 6.896   8.439   5.762   1.00 35.05 ? 62 HOH A O     1 
HETATM 431 O O     . HOH C 2 .  ? -3.794  -7.597  -0.967  1.00 14.48 ? 64 HOH A O     1 
HETATM 432 O O     . HOH C 2 .  ? -0.857  9.475   13.574  1.00 11.60 ? 67 HOH A O     1 
HETATM 433 O O     . HOH C 2 .  ? 2.535   -18.430 -1.607  1.00 1.33  ? 68 HOH A O     1 
HETATM 434 O O     . HOH C 2 .  ? -2.277  19.658  11.526  1.00 26.10 ? 70 HOH A O     1 
HETATM 435 O O     . HOH C 2 .  ? -5.386  11.726  8.118   1.00 19.29 ? 73 HOH A O     1 
HETATM 436 O O     . HOH C 2 .  ? -9.929  8.438   13.547  1.00 21.05 ? 74 HOH A O     1 
HETATM 437 O O     . HOH C 2 .  ? -4.262  15.840  7.271   1.00 9.54  ? 76 HOH A O     1 
HETATM 438 O O     . HOH C 2 .  ? -7.632  8.114   9.448   1.00 13.57 ? 77 HOH A O     1 
HETATM 439 O O     . HOH C 2 .  ? -3.431  -11.681 0.188   1.00 21.44 ? 79 HOH A O     1 
HETATM 440 O O     . HOH C 2 .  ? -1.340  -1.085  -3.153  1.00 13.50 ? 80 HOH A O     1 
HETATM 441 O O     . HOH C 2 .  ? 4.190   -2.863  -5.858  1.00 22.18 ? 81 HOH A O     1 
HETATM 442 O O     . HOH C 2 .  ? -8.982  8.403   11.247  1.00 15.72 ? 82 HOH A O     1 
HETATM 443 O O     . HOH D 2 .  ? 1.658   2.115   -19.820 1.00 5.10  ? 26 HOH B O     1 
HETATM 444 O O     . HOH D 2 .  ? 1.099   4.235   -14.519 1.00 1.00  ? 27 HOH B O     1 
HETATM 445 O O     . HOH D 2 .  ? -6.254  -5.531  1.964   1.00 7.73  ? 30 HOH B O     1 
HETATM 446 O O     . HOH D 2 .  ? 11.007  1.482   11.909  1.00 18.43 ? 31 HOH B O     1 
HETATM 447 O O     . HOH D 2 .  ? -12.795 3.007   4.125   1.00 1.00  ? 32 HOH B O     1 
HETATM 448 O O     . HOH D 2 .  ? -15.405 3.656   2.535   1.00 1.00  ? 40 HOH B O     1 
HETATM 449 O O     . HOH D 2 .  ? -11.295 6.436   -2.272  1.00 16.35 ? 42 HOH B O     1 
HETATM 450 O O     . HOH D 2 .  ? -6.847  12.230  -5.919  1.00 6.52  ? 46 HOH B O     1 
HETATM 451 O O     . HOH D 2 .  ? -6.722  0.290   10.128  1.00 4.78  ? 48 HOH B O     1 
HETATM 452 O O     . HOH D 2 .  ? -8.063  9.290   -1.233  0.50 1.21  ? 49 HOH B O     1 
HETATM 453 O O     . HOH D 2 .  ? -7.651  -6.554  -2.388  1.00 1.00  ? 51 HOH B O     1 
HETATM 454 O O     . HOH D 2 .  ? 3.457   6.394   -17.643 1.00 18.64 ? 52 HOH B O     1 
HETATM 455 O O     . HOH D 2 .  ? -8.996  -4.257  0.330   1.00 2.59  ? 53 HOH B O     1 
HETATM 456 O O     . HOH D 2 .  ? -4.375  -0.260  11.612  1.00 4.08  ? 57 HOH B O     1 
HETATM 457 O O     . HOH D 2 .  ? 9.322   7.961   -13.916 1.00 18.48 ? 60 HOH B O     1 
HETATM 458 O O     . HOH D 2 .  ? -10.222 9.539   -2.662  1.00 31.85 ? 61 HOH B O     1 
HETATM 459 O O     . HOH D 2 .  ? 5.066   0.510   8.110   1.00 30.46 ? 63 HOH B O     1 
HETATM 460 O O     . HOH D 2 .  ? -13.812 1.536   6.009   1.00 18.34 ? 65 HOH B O     1 
HETATM 461 O O     . HOH D 2 .  ? 1.113   5.706   -20.116 1.00 14.94 ? 66 HOH B O     1 
HETATM 462 O O     . HOH D 2 .  ? -9.125  -2.911  7.223   1.00 17.45 ? 69 HOH B O     1 
HETATM 463 O O     . HOH D 2 .  ? -13.578 5.217   -1.579  1.00 18.77 ? 71 HOH B O     1 
HETATM 464 O O     . HOH D 2 .  ? -11.153 0.614   2.183   1.00 15.67 ? 72 HOH B O     1 
HETATM 465 O O     . HOH D 2 .  ? -1.510  7.465   -14.178 1.00 12.19 ? 75 HOH B O     1 
HETATM 466 O O     . HOH D 2 .  ? -11.213 -3.507  -0.387  1.00 23.80 ? 78 HOH B O     1 
# 
